data_3U4S
#
_entry.id   3U4S
#
_cell.length_a   99.819
_cell.length_b   150.060
_cell.length_c   55.917
_cell.angle_alpha   90.00
_cell.angle_beta   90.00
_cell.angle_gamma   90.00
#
_symmetry.space_group_name_H-M   'P 21 21 2'
#
loop_
_entity.id
_entity.type
_entity.pdbx_description
1 polymer 'Lysine-specific demethylase 4A'
2 polymer 'HISTONE 3 TAIL ANALOG (T11C Peptide)'
3 non-polymer 'NICKEL (II) ION'
4 non-polymer 'ZINC ION'
5 non-polymer N-(carboxycarbonyl)-D-cysteine
6 water water
#
loop_
_entity_poly.entity_id
_entity_poly.type
_entity_poly.pdbx_seq_one_letter_code
_entity_poly.pdbx_strand_id
1 'polypeptide(L)'
;MHHHHHHSSGVDLGTENLYFQSMASESETLNPSARIMTFYPTMEEFRNFSRYIAYIESQGAHRAGLAKVVPPKEWKPRAS
YDDIDDLVIPAPIQQLVTGQSGLFTQYNIQKKAMTVREFRKIANSDKYCTPRYSEFEELERKYWKNLTFNPPIYGADVNG
TLYEKHVDEWNIGRLRTILDLVEKESGITIEGVNTPYLYFGMWKTSFAWHTEDMDLYSINYLHFGEPKSWYSVPPEHGKR
LERLAKGFFPGSAQSCEAFLRHKMTLISPLMLKKYGIPFDKVTQEAGEFMITFPYGYHAGFNHGFNCAESTNFATRRWIE
YGKQAVLCSCRKDMVKISMDVFVRKFQPERYKLWKAGKDNTVIDHTLPTPEAAEFLKESEL
;
A,B
2 'polypeptide(L)' AR(M3L)SCGGK C,D
#
# COMPACT_ATOMS: atom_id res chain seq x y z
N LEU A 30 16.42 -6.04 11.68
CA LEU A 30 17.28 -4.99 11.13
C LEU A 30 16.66 -4.22 9.97
N ASN A 31 16.72 -2.90 10.04
CA ASN A 31 16.01 -2.01 9.11
C ASN A 31 14.54 -2.41 9.02
N PRO A 32 13.84 -2.39 10.16
CA PRO A 32 12.42 -2.77 10.21
C PRO A 32 11.54 -1.76 9.49
N SER A 33 12.04 -0.54 9.31
CA SER A 33 11.30 0.45 8.53
C SER A 33 11.46 0.21 7.03
N ALA A 34 12.41 -0.64 6.66
CA ALA A 34 12.72 -0.92 5.25
C ALA A 34 12.93 0.37 4.45
N ARG A 35 13.52 1.36 5.10
CA ARG A 35 13.84 2.63 4.45
C ARG A 35 15.15 2.49 3.73
N ILE A 36 15.29 3.23 2.63
CA ILE A 36 16.51 3.17 1.83
C ILE A 36 17.71 3.62 2.63
N MET A 37 18.76 2.80 2.66
CA MET A 37 19.97 3.11 3.41
C MET A 37 21.10 3.61 2.51
N THR A 38 21.91 4.53 3.04
CA THR A 38 23.12 5.01 2.35
C THR A 38 24.37 4.52 3.07
N PHE A 39 25.39 4.14 2.29
CA PHE A 39 26.57 3.58 2.90
C PHE A 39 27.82 4.30 2.44
N TYR A 40 28.73 4.51 3.38
CA TYR A 40 29.99 5.18 3.09
C TYR A 40 31.16 4.26 3.43
N PRO A 41 31.43 3.27 2.58
CA PRO A 41 32.50 2.30 2.84
C PRO A 41 33.88 2.94 2.72
N THR A 42 34.81 2.51 3.58
CA THR A 42 36.22 2.82 3.44
C THR A 42 36.79 2.03 2.29
N MET A 43 37.93 2.47 1.77
CA MET A 43 38.60 1.78 0.67
C MET A 43 38.86 0.31 0.98
N GLU A 44 39.15 0.01 2.24
CA GLU A 44 39.40 -1.37 2.68
C GLU A 44 38.14 -2.23 2.50
N GLU A 45 37.01 -1.72 2.95
CA GLU A 45 35.73 -2.42 2.81
C GLU A 45 35.28 -2.41 1.35
N PHE A 46 35.60 -1.32 0.66
CA PHE A 46 35.13 -1.08 -0.70
C PHE A 46 35.75 -2.03 -1.70
N ARG A 47 36.91 -2.58 -1.35
CA ARG A 47 37.73 -3.38 -2.27
C ARG A 47 37.04 -4.66 -2.75
N ASN A 48 36.37 -5.36 -1.85
CA ASN A 48 35.72 -6.62 -2.20
C ASN A 48 34.23 -6.39 -2.45
N PHE A 49 33.82 -6.51 -3.71
CA PHE A 49 32.45 -6.16 -4.07
C PHE A 49 31.43 -7.05 -3.40
N SER A 50 31.53 -8.35 -3.64
CA SER A 50 30.53 -9.29 -3.17
C SER A 50 30.45 -9.18 -1.65
N ARG A 51 31.60 -9.14 -1.01
CA ARG A 51 31.67 -9.09 0.44
C ARG A 51 30.88 -7.91 0.96
N TYR A 52 31.03 -6.75 0.32
CA TYR A 52 30.36 -5.56 0.82
C TYR A 52 28.84 -5.61 0.62
N ILE A 53 28.40 -6.24 -0.46
CA ILE A 53 26.98 -6.43 -0.67
C ILE A 53 26.42 -7.27 0.47
N ALA A 54 27.16 -8.31 0.86
CA ALA A 54 26.74 -9.13 1.99
C ALA A 54 26.66 -8.29 3.25
N TYR A 55 27.64 -7.42 3.44
CA TYR A 55 27.62 -6.53 4.60
C TYR A 55 26.38 -5.63 4.63
N ILE A 56 26.09 -4.93 3.54
CA ILE A 56 24.92 -4.06 3.59
C ILE A 56 23.64 -4.86 3.78
N GLU A 57 23.65 -6.12 3.37
CA GLU A 57 22.48 -6.95 3.62
C GLU A 57 22.40 -7.34 5.10
N SER A 58 23.55 -7.50 5.75
CA SER A 58 23.57 -7.77 7.18
C SER A 58 22.94 -6.59 7.95
N GLN A 59 23.03 -5.40 7.40
CA GLN A 59 22.43 -4.22 8.01
C GLN A 59 20.96 -3.97 7.58
N GLY A 60 20.39 -4.88 6.80
CA GLY A 60 19.00 -4.76 6.37
C GLY A 60 18.76 -3.90 5.13
N ALA A 61 19.84 -3.53 4.45
CA ALA A 61 19.72 -2.65 3.28
C ALA A 61 18.66 -3.14 2.28
N HIS A 62 18.70 -4.44 2.01
CA HIS A 62 17.90 -5.06 0.96
C HIS A 62 16.40 -4.91 1.18
N ARG A 63 15.98 -4.74 2.43
CA ARG A 63 14.55 -4.63 2.74
C ARG A 63 13.87 -3.46 2.01
N ALA A 64 14.61 -2.39 1.80
CA ALA A 64 14.11 -1.22 1.05
C ALA A 64 13.99 -1.46 -0.45
N GLY A 65 14.69 -2.47 -0.97
CA GLY A 65 14.66 -2.76 -2.39
C GLY A 65 15.74 -2.00 -3.15
N LEU A 66 16.31 -1.00 -2.50
CA LEU A 66 17.27 -0.11 -3.13
C LEU A 66 18.23 0.39 -2.06
N ALA A 67 19.50 0.52 -2.39
CA ALA A 67 20.44 1.10 -1.46
C ALA A 67 21.46 1.96 -2.19
N LYS A 68 21.97 3.00 -1.53
CA LYS A 68 23.01 3.82 -2.11
C LYS A 68 24.34 3.52 -1.46
N VAL A 69 25.40 3.59 -2.27
CA VAL A 69 26.74 3.41 -1.74
C VAL A 69 27.64 4.52 -2.26
N VAL A 70 28.20 5.29 -1.34
CA VAL A 70 29.11 6.34 -1.73
C VAL A 70 30.54 5.82 -1.63
N PRO A 71 31.26 5.82 -2.78
CA PRO A 71 32.62 5.31 -2.81
C PRO A 71 33.57 6.18 -1.97
N PRO A 72 34.69 5.61 -1.51
CA PRO A 72 35.76 6.44 -0.96
C PRO A 72 36.09 7.58 -1.91
N LYS A 73 36.23 8.80 -1.36
CA LYS A 73 36.48 10.00 -2.16
C LYS A 73 37.75 9.89 -2.98
N GLU A 74 38.66 9.03 -2.55
CA GLU A 74 39.93 8.83 -3.20
C GLU A 74 39.75 7.98 -4.46
N TRP A 75 38.57 7.40 -4.60
CA TRP A 75 38.31 6.43 -5.65
C TRP A 75 37.66 7.07 -6.87
N LYS A 76 38.22 6.80 -8.05
CA LYS A 76 37.58 7.17 -9.30
C LYS A 76 37.72 6.05 -10.32
N PRO A 77 36.66 5.76 -11.08
CA PRO A 77 36.60 4.74 -12.13
C PRO A 77 37.32 5.16 -13.40
N ARG A 78 37.43 6.46 -13.61
CA ARG A 78 37.99 7.01 -14.86
C ARG A 78 38.61 8.39 -14.60
N ALA A 79 39.59 8.75 -15.42
CA ALA A 79 40.31 10.00 -15.24
C ALA A 79 39.52 11.19 -15.75
N SER A 80 39.27 11.22 -17.05
CA SER A 80 38.55 12.32 -17.67
C SER A 80 37.50 11.83 -18.66
N TYR A 81 36.36 12.50 -18.69
CA TYR A 81 35.28 12.14 -19.60
C TYR A 81 35.25 12.96 -20.89
N ASP A 82 36.24 13.83 -21.09
CA ASP A 82 36.24 14.74 -22.26
C ASP A 82 36.47 14.04 -23.60
N ASP A 83 36.91 12.80 -23.57
CA ASP A 83 37.27 12.07 -24.78
C ASP A 83 36.13 11.23 -25.38
N ILE A 84 34.95 11.29 -24.78
CA ILE A 84 33.85 10.42 -25.19
C ILE A 84 32.86 11.09 -26.15
N ASP A 85 33.15 12.31 -26.55
CA ASP A 85 32.21 13.11 -27.34
C ASP A 85 31.77 12.45 -28.66
N ASP A 86 32.61 11.56 -29.18
CA ASP A 86 32.30 10.89 -30.43
C ASP A 86 31.67 9.50 -30.22
N LEU A 87 31.52 9.08 -28.96
CA LEU A 87 30.88 7.81 -28.63
C LEU A 87 29.48 7.74 -29.25
N VAL A 88 29.20 6.64 -29.93
CA VAL A 88 27.96 6.47 -30.68
C VAL A 88 26.85 5.86 -29.81
N ILE A 89 25.67 6.50 -29.80
CA ILE A 89 24.47 5.95 -29.18
C ILE A 89 23.63 5.41 -30.34
N PRO A 90 23.63 4.08 -30.52
CA PRO A 90 23.11 3.51 -31.76
C PRO A 90 21.60 3.60 -31.88
N ALA A 91 20.88 3.63 -30.76
CA ALA A 91 19.43 3.57 -30.79
C ALA A 91 18.73 4.41 -29.73
N PRO A 92 18.86 5.75 -29.82
CA PRO A 92 18.15 6.62 -28.87
C PRO A 92 16.66 6.34 -28.96
N ILE A 93 15.93 6.57 -27.88
CA ILE A 93 14.49 6.40 -27.90
C ILE A 93 13.82 7.66 -27.39
N GLN A 94 12.73 8.06 -28.04
CA GLN A 94 11.99 9.23 -27.65
C GLN A 94 10.81 8.74 -26.84
N GLN A 95 10.67 9.25 -25.63
CA GLN A 95 9.70 8.70 -24.68
C GLN A 95 8.41 9.48 -24.71
N LEU A 96 7.38 8.85 -25.26
CA LEU A 96 6.09 9.50 -25.31
C LEU A 96 5.20 8.90 -24.22
N VAL A 97 4.92 9.71 -23.19
CA VAL A 97 4.14 9.25 -22.05
C VAL A 97 2.69 9.66 -22.19
N THR A 98 1.80 8.72 -21.92
CA THR A 98 0.37 8.96 -22.13
C THR A 98 -0.37 8.55 -20.86
N GLY A 99 -1.26 9.42 -20.40
CA GLY A 99 -2.09 9.09 -19.26
C GLY A 99 -2.41 10.29 -18.39
N GLN A 100 -2.99 10.04 -17.23
CA GLN A 100 -3.35 11.12 -16.31
C GLN A 100 -3.52 10.64 -14.88
N SER A 101 -3.44 11.59 -13.95
CA SER A 101 -3.78 11.34 -12.55
C SER A 101 -2.89 10.26 -11.96
N GLY A 102 -1.59 10.40 -12.19
CA GLY A 102 -0.59 9.51 -11.62
C GLY A 102 -0.47 8.14 -12.27
N LEU A 103 -1.22 7.90 -13.36
CA LEU A 103 -1.16 6.63 -14.07
C LEU A 103 -0.84 6.81 -15.54
N PHE A 104 0.31 6.31 -15.97
CA PHE A 104 0.79 6.53 -17.33
C PHE A 104 1.34 5.27 -17.95
N THR A 105 1.25 5.25 -19.28
CA THR A 105 1.87 4.23 -20.10
C THR A 105 2.84 4.92 -21.05
N GLN A 106 4.09 4.49 -21.03
CA GLN A 106 5.14 5.16 -21.78
C GLN A 106 5.44 4.39 -23.05
N TYR A 107 5.43 5.09 -24.19
CA TYR A 107 5.72 4.48 -25.48
C TYR A 107 7.07 4.96 -25.98
N ASN A 108 7.79 4.08 -26.66
CA ASN A 108 9.12 4.45 -27.13
C ASN A 108 9.18 4.55 -28.64
N ILE A 109 9.79 5.64 -29.09
CA ILE A 109 9.95 5.85 -30.51
C ILE A 109 11.46 5.78 -30.79
N GLN A 110 11.84 4.80 -31.59
CA GLN A 110 13.22 4.64 -32.04
C GLN A 110 13.70 5.84 -32.85
N LYS A 111 14.87 6.38 -32.51
CA LYS A 111 15.45 7.49 -33.25
C LYS A 111 16.78 7.07 -33.87
N LYS A 112 17.21 7.77 -34.92
CA LYS A 112 18.46 7.41 -35.60
C LYS A 112 19.62 7.61 -34.64
N ALA A 113 20.74 6.94 -34.92
CA ALA A 113 21.87 6.97 -34.00
C ALA A 113 22.40 8.38 -33.85
N MET A 114 23.09 8.62 -32.76
CA MET A 114 23.73 9.92 -32.57
C MET A 114 24.91 9.80 -31.61
N THR A 115 25.83 10.76 -31.71
CA THR A 115 26.99 10.81 -30.84
C THR A 115 26.63 11.48 -29.52
N VAL A 116 27.38 11.15 -28.48
CA VAL A 116 27.26 11.82 -27.19
C VAL A 116 27.29 13.33 -27.36
N ARG A 117 28.20 13.81 -28.20
CA ARG A 117 28.29 15.24 -28.49
C ARG A 117 26.92 15.79 -28.92
N GLU A 118 26.33 15.18 -29.95
CA GLU A 118 25.04 15.65 -30.43
C GLU A 118 23.98 15.56 -29.34
N PHE A 119 23.94 14.42 -28.65
CA PHE A 119 22.96 14.21 -27.60
C PHE A 119 23.03 15.32 -26.56
N ARG A 120 24.23 15.61 -26.09
CA ARG A 120 24.38 16.67 -25.09
C ARG A 120 23.82 18.01 -25.59
N LYS A 121 23.99 18.28 -26.88
CA LYS A 121 23.53 19.54 -27.44
C LYS A 121 22.02 19.61 -27.24
N ILE A 122 21.35 18.52 -27.57
CA ILE A 122 19.90 18.48 -27.43
C ILE A 122 19.50 18.59 -25.96
N ALA A 123 20.12 17.79 -25.11
CA ALA A 123 19.78 17.76 -23.69
C ALA A 123 19.85 19.17 -23.08
N ASN A 124 20.86 19.92 -23.48
CA ASN A 124 21.08 21.27 -22.95
C ASN A 124 20.34 22.37 -23.70
N SER A 125 19.82 22.03 -24.89
CA SER A 125 19.05 22.98 -25.66
C SER A 125 17.88 23.52 -24.82
N ASP A 126 17.49 24.77 -25.06
CA ASP A 126 16.43 25.40 -24.27
C ASP A 126 15.13 24.59 -24.31
N LYS A 127 14.92 23.87 -25.39
CA LYS A 127 13.71 23.07 -25.54
C LYS A 127 13.68 21.92 -24.53
N TYR A 128 14.81 21.22 -24.38
CA TYR A 128 14.89 20.07 -23.46
C TYR A 128 15.57 20.25 -22.09
N CYS A 129 16.13 21.42 -21.82
CA CYS A 129 16.96 21.57 -20.63
C CYS A 129 16.14 21.49 -19.34
N THR A 130 16.80 21.12 -18.25
CA THR A 130 16.14 21.10 -16.95
C THR A 130 15.54 22.46 -16.65
N PRO A 131 14.30 22.48 -16.12
CA PRO A 131 13.73 23.78 -15.73
C PRO A 131 14.44 24.34 -14.51
N ARG A 132 14.03 25.53 -14.09
CA ARG A 132 14.55 26.16 -12.88
C ARG A 132 13.86 25.58 -11.65
N TYR A 133 14.53 25.64 -10.51
CA TYR A 133 13.93 25.12 -9.28
C TYR A 133 14.82 25.31 -8.07
N SER A 134 14.22 25.21 -6.90
CA SER A 134 14.90 25.40 -5.64
C SER A 134 15.18 24.07 -4.96
N GLU A 135 14.12 23.46 -4.43
CA GLU A 135 14.27 22.20 -3.72
C GLU A 135 13.77 21.05 -4.59
N PHE A 136 14.39 19.89 -4.44
CA PHE A 136 14.06 18.74 -5.28
C PHE A 136 12.55 18.56 -5.39
N GLU A 137 11.85 18.75 -4.27
CA GLU A 137 10.41 18.54 -4.23
C GLU A 137 9.74 19.32 -5.33
N GLU A 138 10.34 20.47 -5.65
CA GLU A 138 9.83 21.32 -6.73
C GLU A 138 10.06 20.66 -8.09
N LEU A 139 11.30 20.31 -8.37
CA LEU A 139 11.61 19.62 -9.62
C LEU A 139 10.76 18.37 -9.77
N GLU A 140 10.47 17.71 -8.65
CA GLU A 140 9.70 16.47 -8.69
C GLU A 140 8.25 16.73 -9.12
N ARG A 141 7.65 17.78 -8.56
CA ARG A 141 6.28 18.16 -8.93
C ARG A 141 6.20 18.54 -10.41
N LYS A 142 7.27 19.13 -10.91
CA LYS A 142 7.34 19.50 -12.32
C LYS A 142 7.41 18.25 -13.20
N TYR A 143 8.22 17.28 -12.77
CA TYR A 143 8.33 16.05 -13.54
C TYR A 143 6.96 15.42 -13.70
N TRP A 144 6.23 15.26 -12.59
CA TRP A 144 4.95 14.59 -12.63
C TRP A 144 3.86 15.40 -13.33
N LYS A 145 4.06 16.70 -13.42
CA LYS A 145 3.16 17.57 -14.14
C LYS A 145 3.42 17.58 -15.66
N ASN A 146 4.70 17.55 -16.04
CA ASN A 146 5.09 17.73 -17.43
C ASN A 146 5.45 16.46 -18.24
N LEU A 147 5.39 15.28 -17.61
CA LEU A 147 6.03 14.13 -18.24
C LEU A 147 5.36 13.70 -19.53
N THR A 148 4.07 14.01 -19.67
CA THR A 148 3.39 13.69 -20.94
C THR A 148 3.58 14.77 -22.03
N PHE A 149 4.35 15.81 -21.73
CA PHE A 149 4.56 16.92 -22.69
C PHE A 149 6.00 16.95 -23.21
N ASN A 150 6.18 17.42 -24.43
CA ASN A 150 7.52 17.57 -25.02
C ASN A 150 8.38 16.31 -24.83
N PRO A 151 8.02 15.22 -25.52
CA PRO A 151 8.69 13.93 -25.30
C PRO A 151 10.20 14.07 -25.41
N PRO A 152 10.94 13.62 -24.38
CA PRO A 152 12.40 13.72 -24.40
C PRO A 152 13.03 12.51 -25.06
N ILE A 153 14.36 12.53 -25.21
CA ILE A 153 15.08 11.45 -25.85
C ILE A 153 16.04 10.86 -24.84
N TYR A 154 16.01 9.53 -24.70
CA TYR A 154 16.84 8.82 -23.74
C TYR A 154 17.89 8.04 -24.51
N GLY A 155 19.14 8.23 -24.09
CA GLY A 155 20.33 7.62 -24.67
C GLY A 155 20.57 6.22 -24.13
N ALA A 156 19.50 5.45 -24.00
CA ALA A 156 19.49 4.17 -23.28
C ALA A 156 20.09 2.91 -23.93
N ASP A 157 20.49 1.97 -23.06
CA ASP A 157 20.88 0.62 -23.46
C ASP A 157 22.03 0.59 -24.45
N VAL A 158 23.00 1.49 -24.26
CA VAL A 158 24.20 1.45 -25.07
C VAL A 158 25.21 0.40 -24.57
N ASN A 159 25.60 -0.55 -25.42
CA ASN A 159 26.64 -1.50 -25.01
C ASN A 159 27.95 -0.78 -24.77
N GLY A 160 28.54 -0.97 -23.60
CA GLY A 160 29.85 -0.40 -23.36
C GLY A 160 30.14 -0.07 -21.91
N THR A 161 31.37 0.36 -21.67
CA THR A 161 31.81 0.76 -20.34
C THR A 161 32.70 1.98 -20.41
N LEU A 162 32.60 2.83 -19.40
CA LEU A 162 33.50 3.97 -19.23
C LEU A 162 34.61 3.73 -18.21
N TYR A 163 34.65 2.53 -17.63
CA TYR A 163 35.71 2.19 -16.69
C TYR A 163 37.06 2.05 -17.40
N GLU A 164 38.10 2.59 -16.79
CA GLU A 164 39.45 2.30 -17.26
C GLU A 164 39.77 0.85 -16.97
N LYS A 165 40.51 0.21 -17.87
CA LYS A 165 40.77 -1.23 -17.80
C LYS A 165 41.43 -1.65 -16.49
N HIS A 166 42.10 -0.71 -15.84
CA HIS A 166 42.95 -1.00 -14.69
C HIS A 166 42.25 -0.84 -13.34
N VAL A 167 40.97 -0.51 -13.36
CA VAL A 167 40.23 -0.27 -12.12
C VAL A 167 39.61 -1.56 -11.63
N ASP A 168 40.09 -2.02 -10.48
CA ASP A 168 39.68 -3.33 -9.94
C ASP A 168 38.63 -3.32 -8.85
N GLU A 169 38.17 -2.15 -8.44
CA GLU A 169 37.14 -2.08 -7.41
C GLU A 169 35.80 -1.68 -8.01
N TRP A 170 34.78 -2.48 -7.76
CA TRP A 170 33.42 -2.20 -8.23
C TRP A 170 33.36 -1.93 -9.72
N ASN A 171 34.00 -2.81 -10.49
CA ASN A 171 34.04 -2.62 -11.94
C ASN A 171 32.88 -3.33 -12.56
N ILE A 172 31.95 -2.54 -13.09
CA ILE A 172 30.70 -3.04 -13.66
C ILE A 172 30.98 -3.99 -14.84
N GLY A 173 32.16 -3.85 -15.44
CA GLY A 173 32.58 -4.78 -16.49
C GLY A 173 32.86 -6.19 -15.96
N ARG A 174 33.58 -6.29 -14.86
CA ARG A 174 33.76 -7.59 -14.21
C ARG A 174 33.56 -7.52 -12.70
N LEU A 175 32.39 -7.92 -12.20
CA LEU A 175 32.16 -7.82 -10.76
C LEU A 175 32.49 -9.14 -10.09
N ARG A 176 32.66 -10.18 -10.89
CA ARG A 176 32.99 -11.50 -10.35
C ARG A 176 31.96 -11.97 -9.33
N THR A 177 30.67 -11.94 -9.68
CA THR A 177 29.68 -12.56 -8.80
C THR A 177 29.29 -13.89 -9.44
N ILE A 178 28.48 -14.68 -8.75
CA ILE A 178 28.08 -15.98 -9.26
C ILE A 178 27.25 -15.90 -10.53
N LEU A 179 26.73 -14.72 -10.85
CA LEU A 179 26.07 -14.57 -12.15
C LEU A 179 27.05 -14.95 -13.26
N ASP A 180 28.35 -14.85 -12.98
CA ASP A 180 29.38 -15.25 -13.96
C ASP A 180 29.22 -16.71 -14.41
N LEU A 181 28.59 -17.53 -13.56
CA LEU A 181 28.36 -18.93 -13.90
C LEU A 181 27.61 -19.16 -15.20
N VAL A 182 26.74 -18.23 -15.58
CA VAL A 182 25.96 -18.42 -16.79
C VAL A 182 26.89 -18.48 -18.00
N GLU A 183 27.78 -17.49 -18.08
CA GLU A 183 28.76 -17.42 -19.15
C GLU A 183 29.77 -18.57 -19.02
N LYS A 184 30.35 -18.74 -17.84
CA LYS A 184 31.37 -19.78 -17.63
C LYS A 184 30.86 -21.15 -18.04
N GLU A 185 29.65 -21.49 -17.63
CA GLU A 185 29.08 -22.80 -17.90
C GLU A 185 28.63 -22.94 -19.35
N SER A 186 27.66 -22.11 -19.77
CA SER A 186 27.05 -22.24 -21.10
C SER A 186 27.53 -21.28 -22.21
N GLY A 187 28.46 -20.38 -21.89
CA GLY A 187 29.02 -19.47 -22.88
C GLY A 187 28.07 -18.37 -23.35
N ILE A 188 26.89 -18.34 -22.74
CA ILE A 188 25.81 -17.41 -23.11
C ILE A 188 26.04 -15.99 -22.62
N THR A 189 25.96 -15.01 -23.52
CA THR A 189 26.01 -13.62 -23.11
C THR A 189 24.64 -12.99 -23.32
N ILE A 190 24.19 -12.23 -22.31
CA ILE A 190 22.96 -11.45 -22.44
C ILE A 190 23.33 -10.00 -22.18
N GLU A 191 23.29 -9.19 -23.24
CA GLU A 191 23.74 -7.80 -23.14
C GLU A 191 22.92 -7.02 -22.12
N GLY A 192 23.59 -6.21 -21.31
CA GLY A 192 22.92 -5.40 -20.30
C GLY A 192 22.72 -6.19 -19.00
N VAL A 193 22.71 -7.51 -19.11
CA VAL A 193 22.51 -8.37 -17.94
C VAL A 193 23.84 -8.91 -17.38
N ASN A 194 24.56 -9.68 -18.20
CA ASN A 194 25.96 -10.01 -17.86
C ASN A 194 27.01 -9.19 -18.60
N THR A 195 26.55 -8.17 -19.33
CA THR A 195 27.45 -7.15 -19.88
C THR A 195 26.96 -5.76 -19.48
N PRO A 196 27.84 -4.75 -19.54
CA PRO A 196 27.47 -3.40 -19.11
C PRO A 196 26.67 -2.60 -20.14
N TYR A 197 25.82 -1.71 -19.65
CA TYR A 197 25.12 -0.74 -20.49
C TYR A 197 25.48 0.67 -20.03
N LEU A 198 25.34 1.62 -20.95
CA LEU A 198 25.51 3.03 -20.62
C LEU A 198 24.19 3.72 -20.88
N TYR A 199 23.87 4.70 -20.04
CA TYR A 199 22.64 5.46 -20.20
C TYR A 199 22.96 6.92 -20.20
N PHE A 200 22.64 7.58 -21.30
CA PHE A 200 22.76 9.03 -21.37
C PHE A 200 21.38 9.68 -21.22
N GLY A 201 21.18 10.33 -20.07
CA GLY A 201 19.87 10.89 -19.79
C GLY A 201 19.79 12.36 -20.07
N MET A 202 18.56 12.85 -20.12
CA MET A 202 18.30 14.28 -20.18
C MET A 202 17.08 14.52 -19.30
N TRP A 203 16.76 15.78 -19.03
CA TRP A 203 15.67 16.09 -18.13
C TRP A 203 14.40 15.33 -18.49
N LYS A 204 13.77 14.72 -17.49
CA LYS A 204 12.44 14.17 -17.70
C LYS A 204 12.45 12.83 -18.42
N THR A 205 13.62 12.32 -18.82
CA THR A 205 13.68 10.91 -19.27
C THR A 205 13.44 9.97 -18.08
N SER A 206 12.72 8.89 -18.32
CA SER A 206 12.17 8.06 -17.26
C SER A 206 12.52 6.57 -17.37
N PHE A 207 12.52 5.89 -16.24
CA PHE A 207 12.45 4.44 -16.22
C PHE A 207 11.21 4.04 -15.43
N ALA A 208 10.38 3.22 -16.05
CA ALA A 208 9.09 2.82 -15.47
C ALA A 208 9.29 1.81 -14.34
N TRP A 209 8.21 1.48 -13.64
CA TRP A 209 8.26 0.55 -12.51
C TRP A 209 8.60 -0.87 -12.99
N HIS A 210 9.64 -1.46 -12.40
CA HIS A 210 10.02 -2.82 -12.76
C HIS A 210 10.90 -3.44 -11.68
N THR A 211 10.99 -4.78 -11.67
CA THR A 211 12.13 -5.45 -11.06
C THR A 211 13.06 -5.91 -12.20
N GLU A 212 14.23 -6.40 -11.86
CA GLU A 212 15.22 -6.78 -12.87
C GLU A 212 14.83 -8.08 -13.59
N ASP A 213 15.41 -8.31 -14.77
CA ASP A 213 15.25 -9.60 -15.41
C ASP A 213 15.62 -10.71 -14.44
N MET A 214 14.79 -11.75 -14.36
CA MET A 214 15.03 -12.91 -13.48
C MET A 214 15.11 -12.47 -12.01
N ASP A 215 14.52 -11.32 -11.73
CA ASP A 215 14.61 -10.70 -10.41
C ASP A 215 16.02 -10.67 -9.83
N LEU A 216 17.00 -10.37 -10.68
CA LEU A 216 18.38 -10.17 -10.24
C LEU A 216 18.60 -8.84 -9.50
N TYR A 217 19.81 -8.64 -9.00
CA TYR A 217 20.28 -7.34 -8.55
C TYR A 217 20.70 -6.54 -9.77
N SER A 218 20.75 -5.22 -9.62
CA SER A 218 21.43 -4.40 -10.60
C SER A 218 22.32 -3.42 -9.86
N ILE A 219 23.39 -2.99 -10.52
CA ILE A 219 24.24 -1.97 -9.97
C ILE A 219 24.20 -0.82 -10.97
N ASN A 220 24.18 0.40 -10.46
CA ASN A 220 24.07 1.57 -11.32
C ASN A 220 25.03 2.64 -10.81
N TYR A 221 25.98 3.04 -11.65
CA TYR A 221 26.91 4.08 -11.27
C TYR A 221 26.69 5.32 -12.12
N LEU A 222 26.56 6.47 -11.46
CA LEU A 222 26.35 7.69 -12.21
C LEU A 222 27.74 8.25 -12.44
N HIS A 223 28.19 8.23 -13.70
CA HIS A 223 29.54 8.68 -14.00
C HIS A 223 29.68 10.19 -13.79
N PHE A 224 28.74 10.95 -14.34
CA PHE A 224 28.78 12.41 -14.22
C PHE A 224 27.42 12.99 -14.59
N GLY A 225 27.29 14.31 -14.43
CA GLY A 225 26.09 15.03 -14.84
C GLY A 225 25.10 15.30 -13.74
N GLU A 226 23.86 15.55 -14.14
CA GLU A 226 22.78 15.85 -13.20
C GLU A 226 22.28 14.60 -12.47
N PRO A 227 21.54 14.81 -11.38
CA PRO A 227 21.08 13.67 -10.56
C PRO A 227 20.10 12.73 -11.28
N LYS A 228 19.95 11.55 -10.70
CA LYS A 228 18.93 10.60 -11.09
C LYS A 228 18.16 10.28 -9.82
N SER A 229 16.85 10.50 -9.85
CA SER A 229 16.05 10.25 -8.67
C SER A 229 15.34 8.92 -8.83
N TRP A 230 15.15 8.24 -7.70
CA TRP A 230 14.58 6.90 -7.69
C TRP A 230 13.41 6.80 -6.73
N TYR A 231 12.51 5.86 -7.02
CA TYR A 231 11.47 5.45 -6.10
C TYR A 231 11.66 3.96 -5.92
N SER A 232 11.30 3.42 -4.76
CA SER A 232 11.47 2.00 -4.53
C SER A 232 10.39 1.46 -3.61
N VAL A 233 9.90 0.27 -3.92
CA VAL A 233 8.96 -0.45 -3.06
C VAL A 233 9.65 -1.64 -2.41
N PRO A 234 9.54 -1.79 -1.08
CA PRO A 234 10.21 -2.94 -0.46
C PRO A 234 9.80 -4.27 -1.09
N PRO A 235 10.76 -5.17 -1.29
CA PRO A 235 10.39 -6.50 -1.79
C PRO A 235 9.24 -7.13 -0.98
N GLU A 236 9.26 -7.03 0.34
CA GLU A 236 8.16 -7.58 1.14
C GLU A 236 6.80 -6.99 0.76
N HIS A 237 6.76 -5.80 0.17
CA HIS A 237 5.51 -5.25 -0.36
C HIS A 237 5.28 -5.31 -1.88
N GLY A 238 6.22 -5.92 -2.61
CA GLY A 238 6.13 -5.97 -4.06
C GLY A 238 4.83 -6.55 -4.60
N LYS A 239 4.28 -7.56 -3.93
CA LYS A 239 3.07 -8.19 -4.41
C LYS A 239 1.89 -7.22 -4.32
N ARG A 240 1.93 -6.34 -3.33
CA ARG A 240 0.88 -5.32 -3.19
C ARG A 240 0.94 -4.33 -4.35
N LEU A 241 2.13 -3.89 -4.73
CA LEU A 241 2.28 -3.03 -5.91
C LEU A 241 1.74 -3.76 -7.16
N GLU A 242 2.11 -5.02 -7.32
CA GLU A 242 1.61 -5.80 -8.45
C GLU A 242 0.07 -5.82 -8.52
N ARG A 243 -0.55 -6.17 -7.41
CA ARG A 243 -2.01 -6.19 -7.32
C ARG A 243 -2.63 -4.84 -7.65
N LEU A 244 -2.02 -3.77 -7.14
CA LEU A 244 -2.50 -2.44 -7.43
C LEU A 244 -2.44 -2.19 -8.94
N ALA A 245 -1.31 -2.55 -9.54
CA ALA A 245 -1.06 -2.32 -10.96
C ALA A 245 -2.04 -3.08 -11.86
N LYS A 246 -2.32 -4.33 -11.50
CA LYS A 246 -3.29 -5.13 -12.25
C LYS A 246 -4.67 -4.47 -12.21
N GLY A 247 -4.98 -3.84 -11.09
CA GLY A 247 -6.23 -3.14 -10.93
C GLY A 247 -6.30 -1.88 -11.77
N PHE A 248 -5.18 -1.17 -11.87
CA PHE A 248 -5.14 0.03 -12.71
C PHE A 248 -5.13 -0.29 -14.19
N PHE A 249 -4.49 -1.40 -14.57
CA PHE A 249 -4.30 -1.70 -15.98
C PHE A 249 -4.75 -3.13 -16.26
N PRO A 250 -6.05 -3.41 -16.10
CA PRO A 250 -6.56 -4.79 -16.12
C PRO A 250 -6.42 -5.45 -17.48
N GLY A 251 -6.58 -4.68 -18.55
CA GLY A 251 -6.36 -5.22 -19.89
C GLY A 251 -4.94 -5.71 -20.06
N SER A 252 -3.97 -4.89 -19.66
CA SER A 252 -2.58 -5.30 -19.73
C SER A 252 -2.30 -6.54 -18.88
N ALA A 253 -2.89 -6.64 -17.69
CA ALA A 253 -2.63 -7.80 -16.82
C ALA A 253 -3.23 -9.08 -17.39
N GLN A 254 -4.38 -8.95 -18.03
CA GLN A 254 -5.00 -10.05 -18.76
C GLN A 254 -4.10 -10.59 -19.87
N SER A 255 -3.46 -9.69 -20.60
CA SER A 255 -2.68 -10.07 -21.76
C SER A 255 -1.34 -10.69 -21.38
N CYS A 256 -0.76 -10.22 -20.28
CA CYS A 256 0.48 -10.77 -19.77
C CYS A 256 0.48 -10.62 -18.24
N GLU A 257 0.86 -11.67 -17.53
CA GLU A 257 0.91 -11.62 -16.07
C GLU A 257 1.98 -10.63 -15.61
N ALA A 258 3.11 -10.73 -16.28
CA ALA A 258 4.34 -10.02 -15.97
C ALA A 258 4.39 -8.66 -16.66
N PHE A 259 3.24 -8.10 -17.02
CA PHE A 259 3.20 -6.91 -17.87
C PHE A 259 4.10 -5.78 -17.41
N LEU A 260 4.33 -5.67 -16.10
CA LEU A 260 5.23 -4.61 -15.60
C LEU A 260 6.64 -4.76 -16.20
N ARG A 261 7.01 -6.00 -16.54
CA ARG A 261 8.31 -6.25 -17.20
C ARG A 261 8.42 -5.57 -18.56
N HIS A 262 7.30 -5.13 -19.12
CA HIS A 262 7.37 -4.40 -20.40
C HIS A 262 8.03 -3.05 -20.18
N LYS A 263 8.09 -2.63 -18.92
CA LYS A 263 8.72 -1.35 -18.56
C LYS A 263 8.01 -0.14 -19.19
N MET A 264 6.69 -0.25 -19.34
CA MET A 264 5.87 0.86 -19.85
C MET A 264 5.02 1.59 -18.79
N THR A 265 5.05 1.10 -17.56
CA THR A 265 4.09 1.53 -16.55
C THR A 265 4.70 2.55 -15.57
N LEU A 266 4.16 3.76 -15.58
CA LEU A 266 4.59 4.80 -14.66
C LEU A 266 3.46 5.08 -13.67
N ILE A 267 3.82 5.21 -12.39
CA ILE A 267 2.87 5.49 -11.33
C ILE A 267 3.44 6.47 -10.33
N SER A 268 2.75 7.59 -10.11
CA SER A 268 3.30 8.66 -9.29
C SER A 268 3.32 8.29 -7.82
N PRO A 269 4.19 8.97 -7.06
CA PRO A 269 4.27 8.73 -5.62
C PRO A 269 2.95 9.08 -4.93
N LEU A 270 2.29 10.15 -5.39
CA LEU A 270 1.01 10.49 -4.81
C LEU A 270 0.02 9.33 -4.94
N MET A 271 0.05 8.62 -6.07
CA MET A 271 -0.84 7.49 -6.25
C MET A 271 -0.48 6.33 -5.32
N LEU A 272 0.82 6.06 -5.18
CA LEU A 272 1.23 5.02 -4.23
C LEU A 272 0.70 5.36 -2.85
N LYS A 273 0.93 6.59 -2.43
CA LYS A 273 0.44 7.06 -1.13
C LYS A 273 -1.05 6.82 -1.00
N LYS A 274 -1.81 7.22 -2.03
CA LYS A 274 -3.27 7.15 -1.98
C LYS A 274 -3.76 5.73 -1.77
N TYR A 275 -3.01 4.79 -2.30
CA TYR A 275 -3.36 3.39 -2.17
C TYR A 275 -2.59 2.66 -1.08
N GLY A 276 -1.80 3.40 -0.32
CA GLY A 276 -1.11 2.86 0.82
C GLY A 276 -0.02 1.83 0.51
N ILE A 277 0.66 1.99 -0.63
CA ILE A 277 1.83 1.17 -0.96
C ILE A 277 3.02 1.82 -0.29
N PRO A 278 3.72 1.10 0.59
CA PRO A 278 4.92 1.75 1.14
C PRO A 278 6.02 1.86 0.09
N PHE A 279 6.70 2.99 0.10
CA PHE A 279 7.77 3.25 -0.84
C PHE A 279 8.68 4.27 -0.21
N ASP A 280 9.87 4.42 -0.77
CA ASP A 280 10.78 5.46 -0.31
C ASP A 280 11.36 6.10 -1.54
N LYS A 281 11.90 7.30 -1.42
CA LYS A 281 12.60 7.94 -2.53
C LYS A 281 14.06 8.25 -2.20
N VAL A 282 14.88 8.36 -3.22
CA VAL A 282 16.28 8.73 -3.04
C VAL A 282 16.82 9.36 -4.33
N THR A 283 17.74 10.29 -4.18
CA THR A 283 18.34 10.95 -5.31
C THR A 283 19.81 10.58 -5.42
N GLN A 284 20.20 10.09 -6.57
CA GLN A 284 21.55 9.61 -6.79
C GLN A 284 22.37 10.68 -7.48
N GLU A 285 23.55 10.95 -6.94
CA GLU A 285 24.37 12.03 -7.47
C GLU A 285 25.61 11.47 -8.13
N ALA A 286 26.18 12.23 -9.06
CA ALA A 286 27.32 11.75 -9.83
C ALA A 286 28.37 11.24 -8.85
N GLY A 287 28.93 10.07 -9.15
CA GLY A 287 29.95 9.48 -8.30
C GLY A 287 29.40 8.51 -7.28
N GLU A 288 28.08 8.34 -7.27
CA GLU A 288 27.46 7.44 -6.30
C GLU A 288 26.90 6.17 -6.98
N PHE A 289 26.90 5.06 -6.25
CA PHE A 289 26.28 3.83 -6.72
C PHE A 289 24.89 3.67 -6.14
N MET A 290 23.95 3.22 -6.96
CA MET A 290 22.70 2.64 -6.47
C MET A 290 22.76 1.12 -6.66
N ILE A 291 22.32 0.37 -5.67
CA ILE A 291 22.16 -1.05 -5.81
C ILE A 291 20.66 -1.35 -5.73
N THR A 292 20.14 -2.20 -6.62
CA THR A 292 18.76 -2.64 -6.45
C THR A 292 18.82 -4.11 -6.08
N PHE A 293 17.83 -4.59 -5.32
CA PHE A 293 17.87 -5.94 -4.75
C PHE A 293 16.80 -6.83 -5.34
N PRO A 294 17.00 -8.16 -5.28
CA PRO A 294 16.03 -9.01 -5.95
C PRO A 294 14.60 -8.66 -5.57
N TYR A 295 13.77 -8.53 -6.61
CA TYR A 295 12.36 -8.23 -6.46
C TYR A 295 12.08 -6.89 -5.79
N GLY A 296 13.06 -5.99 -5.76
CA GLY A 296 12.77 -4.61 -5.44
C GLY A 296 12.23 -3.83 -6.64
N TYR A 297 10.97 -3.40 -6.58
CA TYR A 297 10.41 -2.64 -7.68
C TYR A 297 10.98 -1.23 -7.60
N HIS A 298 11.39 -0.68 -8.74
CA HIS A 298 11.88 0.68 -8.72
C HIS A 298 11.53 1.38 -10.03
N ALA A 299 11.59 2.71 -9.99
CA ALA A 299 11.28 3.57 -11.11
C ALA A 299 11.97 4.89 -10.83
N GLY A 300 12.11 5.73 -11.84
CA GLY A 300 12.66 7.05 -11.61
C GLY A 300 12.77 7.94 -12.83
N PHE A 301 13.56 8.99 -12.72
CA PHE A 301 13.75 9.92 -13.82
C PHE A 301 15.06 10.66 -13.65
N ASN A 302 15.59 11.14 -14.76
CA ASN A 302 16.82 11.92 -14.76
C ASN A 302 16.52 13.42 -14.60
N HIS A 303 17.39 14.13 -13.88
CA HIS A 303 17.22 15.57 -13.65
C HIS A 303 17.65 16.40 -14.84
N GLY A 304 18.58 15.86 -15.61
CA GLY A 304 19.17 16.62 -16.70
C GLY A 304 20.25 15.79 -17.33
N PHE A 305 21.13 16.41 -18.08
CA PHE A 305 22.14 15.66 -18.80
C PHE A 305 23.03 14.89 -17.83
N ASN A 306 23.14 13.59 -18.05
CA ASN A 306 24.00 12.78 -17.20
C ASN A 306 24.36 11.49 -17.91
N CYS A 307 25.20 10.68 -17.26
CA CYS A 307 25.56 9.39 -17.80
C CYS A 307 25.73 8.33 -16.72
N ALA A 308 25.07 7.19 -16.86
CA ALA A 308 25.18 6.12 -15.88
C ALA A 308 25.58 4.82 -16.55
N GLU A 309 26.24 3.96 -15.77
CA GLU A 309 26.62 2.66 -16.27
C GLU A 309 25.98 1.63 -15.35
N SER A 310 25.48 0.55 -15.94
CA SER A 310 24.72 -0.42 -15.14
C SER A 310 24.84 -1.83 -15.70
N THR A 311 24.62 -2.84 -14.85
CA THR A 311 24.53 -4.22 -15.29
C THR A 311 23.81 -5.02 -14.20
N ASN A 312 23.54 -6.30 -14.42
CA ASN A 312 22.98 -7.07 -13.35
C ASN A 312 24.07 -7.83 -12.58
N PHE A 313 23.71 -8.44 -11.48
CA PHE A 313 24.62 -9.33 -10.78
C PHE A 313 23.80 -10.17 -9.84
N ALA A 314 24.46 -11.13 -9.19
CA ALA A 314 23.78 -12.08 -8.32
C ALA A 314 24.54 -12.34 -7.02
N THR A 315 23.84 -12.98 -6.09
CA THR A 315 24.44 -13.56 -4.90
C THR A 315 23.74 -14.88 -4.68
N ARG A 316 24.16 -15.63 -3.65
CA ARG A 316 23.50 -16.88 -3.34
C ARG A 316 22.03 -16.68 -3.00
N ARG A 317 21.72 -15.58 -2.33
CA ARG A 317 20.35 -15.30 -1.93
C ARG A 317 19.44 -15.12 -3.15
N TRP A 318 20.00 -14.59 -4.23
CA TRP A 318 19.20 -14.39 -5.43
C TRP A 318 18.63 -15.70 -5.97
N ILE A 319 19.34 -16.80 -5.75
CA ILE A 319 19.02 -18.03 -6.47
C ILE A 319 17.54 -18.39 -6.32
N GLU A 320 17.01 -18.28 -5.12
CA GLU A 320 15.62 -18.68 -4.90
C GLU A 320 14.68 -17.73 -5.65
N TYR A 321 15.03 -16.44 -5.69
CA TYR A 321 14.27 -15.46 -6.46
C TYR A 321 14.25 -15.83 -7.94
N GLY A 322 15.38 -16.25 -8.49
CA GLY A 322 15.43 -16.56 -9.89
C GLY A 322 14.57 -17.78 -10.22
N LYS A 323 14.57 -18.75 -9.32
CA LYS A 323 13.75 -19.94 -9.47
C LYS A 323 12.28 -19.57 -9.49
N GLN A 324 11.89 -18.58 -8.69
CA GLN A 324 10.49 -18.24 -8.57
C GLN A 324 10.02 -17.04 -9.40
N ALA A 325 10.94 -16.43 -10.16
CA ALA A 325 10.61 -15.21 -10.91
C ALA A 325 9.44 -15.43 -11.87
N VAL A 326 8.44 -14.55 -11.81
CA VAL A 326 7.34 -14.63 -12.78
C VAL A 326 7.68 -13.78 -14.02
N LEU A 327 7.76 -14.43 -15.17
CA LEU A 327 8.38 -13.85 -16.37
C LEU A 327 7.35 -13.46 -17.43
N CYS A 328 7.74 -12.49 -18.26
CA CYS A 328 6.89 -12.08 -19.37
C CYS A 328 6.67 -13.25 -20.32
N SER A 329 5.39 -13.55 -20.53
CA SER A 329 4.94 -14.57 -21.46
C SER A 329 4.88 -14.08 -22.92
N CYS A 330 4.40 -12.86 -23.10
CA CYS A 330 3.83 -12.43 -24.38
C CYS A 330 4.79 -11.90 -25.46
N ARG A 331 6.04 -11.69 -25.12
CA ARG A 331 7.00 -11.20 -26.10
C ARG A 331 8.02 -12.30 -26.34
N LYS A 332 8.64 -12.30 -27.51
CA LYS A 332 9.58 -13.36 -27.85
C LYS A 332 11.01 -12.98 -27.45
N ASP A 333 11.77 -13.97 -27.05
CA ASP A 333 13.18 -13.77 -26.76
C ASP A 333 13.40 -12.87 -25.54
N MET A 334 12.47 -12.86 -24.59
CA MET A 334 12.66 -12.12 -23.34
C MET A 334 13.75 -12.81 -22.56
N VAL A 335 14.39 -12.09 -21.66
CA VAL A 335 15.53 -12.65 -20.97
C VAL A 335 15.08 -13.74 -20.03
N LYS A 336 15.60 -14.94 -20.25
CA LYS A 336 15.28 -16.07 -19.41
C LYS A 336 16.57 -16.84 -19.14
N ILE A 337 16.91 -17.00 -17.87
CA ILE A 337 18.16 -17.65 -17.49
C ILE A 337 17.85 -19.01 -16.88
N SER A 338 18.49 -20.06 -17.38
CA SER A 338 18.29 -21.39 -16.83
C SER A 338 18.85 -21.43 -15.42
N MET A 339 18.06 -21.88 -14.46
CA MET A 339 18.48 -21.92 -13.07
C MET A 339 19.23 -23.22 -12.76
N ASP A 340 19.19 -24.16 -13.70
CA ASP A 340 19.65 -25.52 -13.45
C ASP A 340 21.03 -25.53 -12.82
N VAL A 341 21.97 -24.82 -13.45
CA VAL A 341 23.33 -24.72 -12.95
C VAL A 341 23.42 -24.17 -11.52
N PHE A 342 22.56 -23.21 -11.19
CA PHE A 342 22.58 -22.64 -9.84
C PHE A 342 22.03 -23.62 -8.81
N VAL A 343 20.95 -24.31 -9.15
CA VAL A 343 20.36 -25.28 -8.22
C VAL A 343 21.29 -26.47 -8.00
N ARG A 344 21.85 -27.03 -9.06
CA ARG A 344 22.78 -28.15 -8.93
C ARG A 344 23.95 -27.76 -8.04
N LYS A 345 24.53 -26.59 -8.29
CA LYS A 345 25.73 -26.22 -7.56
C LYS A 345 25.46 -25.82 -6.13
N PHE A 346 24.47 -24.96 -5.92
CA PHE A 346 24.19 -24.42 -4.60
C PHE A 346 23.02 -25.03 -3.82
N GLN A 347 22.20 -25.88 -4.44
CA GLN A 347 21.16 -26.54 -3.68
C GLN A 347 21.05 -28.00 -4.10
N PRO A 348 22.18 -28.73 -4.02
CA PRO A 348 22.26 -30.12 -4.47
C PRO A 348 21.20 -30.96 -3.78
N GLU A 349 20.92 -30.61 -2.54
CA GLU A 349 19.98 -31.40 -1.75
C GLU A 349 18.53 -31.22 -2.24
N ARG A 350 18.25 -30.08 -2.86
CA ARG A 350 16.92 -29.85 -3.40
C ARG A 350 16.78 -30.07 -4.90
N TYR A 351 17.88 -30.43 -5.55
CA TYR A 351 17.89 -30.47 -7.01
C TYR A 351 16.85 -31.42 -7.60
N LYS A 352 16.83 -32.67 -7.14
CA LYS A 352 15.89 -33.65 -7.68
C LYS A 352 14.45 -33.21 -7.39
N LEU A 353 14.23 -32.71 -6.19
CA LEU A 353 12.92 -32.20 -5.82
C LEU A 353 12.44 -31.10 -6.76
N TRP A 354 13.34 -30.16 -7.06
CA TRP A 354 13.00 -29.01 -7.87
C TRP A 354 12.72 -29.44 -9.30
N LYS A 355 13.59 -30.31 -9.81
CA LYS A 355 13.45 -30.79 -11.17
C LYS A 355 12.12 -31.54 -11.31
N ALA A 356 11.62 -32.03 -10.18
CA ALA A 356 10.35 -32.76 -10.14
C ALA A 356 9.15 -31.83 -9.97
N GLY A 357 9.42 -30.54 -9.80
CA GLY A 357 8.37 -29.57 -9.56
C GLY A 357 7.84 -29.61 -8.14
N LYS A 358 8.56 -30.30 -7.27
CA LYS A 358 8.13 -30.46 -5.89
C LYS A 358 8.77 -29.52 -4.88
N ASP A 359 9.62 -28.60 -5.34
CA ASP A 359 10.31 -27.73 -4.40
C ASP A 359 9.37 -26.61 -3.96
N ASN A 360 9.05 -26.61 -2.67
CA ASN A 360 8.04 -25.71 -2.10
C ASN A 360 8.58 -24.47 -1.40
N THR A 361 9.89 -24.23 -1.51
CA THR A 361 10.54 -23.20 -0.71
C THR A 361 9.81 -21.87 -0.76
N VAL A 362 9.55 -21.31 0.41
CA VAL A 362 8.93 -20.02 0.53
C VAL A 362 10.00 -18.99 0.78
N ILE A 363 10.02 -17.93 -0.03
CA ILE A 363 11.00 -16.87 0.15
C ILE A 363 10.66 -15.95 1.32
N ASP A 364 11.66 -15.70 2.16
CA ASP A 364 11.52 -14.74 3.24
C ASP A 364 12.37 -13.53 2.85
N HIS A 365 11.71 -12.43 2.50
CA HIS A 365 12.38 -11.26 1.93
C HIS A 365 13.32 -10.57 2.92
N THR A 366 13.07 -10.76 4.21
CA THR A 366 13.86 -10.06 5.22
C THR A 366 15.23 -10.70 5.47
N LEU A 367 15.35 -11.98 5.14
CA LEU A 367 16.58 -12.75 5.42
C LEU A 367 17.76 -12.32 4.53
N PRO A 368 18.94 -12.03 5.15
CA PRO A 368 20.13 -11.59 4.41
C PRO A 368 20.80 -12.72 3.64
N THR A 369 21.64 -12.37 2.65
CA THR A 369 22.34 -13.39 1.85
C THR A 369 23.21 -14.25 2.75
N PRO A 370 23.31 -15.56 2.46
CA PRO A 370 24.08 -16.51 3.27
C PRO A 370 25.54 -16.08 3.53
N GLU A 371 26.09 -15.26 2.64
CA GLU A 371 27.47 -14.77 2.76
C GLU A 371 27.68 -13.79 3.92
N ALA A 372 26.58 -13.35 4.53
CA ALA A 372 26.64 -12.35 5.59
C ALA A 372 26.93 -12.98 6.95
N ALA A 373 27.11 -14.30 6.96
CA ALA A 373 27.48 -15.01 8.18
C ALA A 373 28.70 -14.35 8.82
N GLU A 374 29.62 -13.92 7.96
CA GLU A 374 30.84 -13.23 8.40
C GLU A 374 30.51 -11.98 9.21
N GLU B 28 -16.25 2.47 -12.61
CA GLU B 28 -15.64 3.80 -12.65
C GLU B 28 -16.67 4.94 -12.58
N THR B 29 -16.24 6.14 -12.94
CA THR B 29 -14.86 6.37 -13.36
C THR B 29 -13.86 6.43 -12.22
N LEU B 30 -14.26 7.05 -11.10
CA LEU B 30 -13.36 7.29 -9.97
C LEU B 30 -13.16 6.07 -9.09
N ASN B 31 -11.90 5.71 -8.83
CA ASN B 31 -11.55 4.53 -8.03
C ASN B 31 -12.34 3.30 -8.47
N PRO B 32 -12.17 2.91 -9.75
CA PRO B 32 -12.94 1.84 -10.39
C PRO B 32 -12.59 0.44 -9.85
N SER B 33 -11.42 0.30 -9.25
CA SER B 33 -11.07 -0.98 -8.62
C SER B 33 -11.66 -1.07 -7.21
N ALA B 34 -12.34 0.00 -6.78
CA ALA B 34 -12.96 0.05 -5.44
C ALA B 34 -11.99 -0.35 -4.32
N ARG B 35 -10.76 0.14 -4.40
CA ARG B 35 -9.74 -0.17 -3.40
C ARG B 35 -9.74 0.85 -2.25
N ILE B 36 -9.45 0.37 -1.05
CA ILE B 36 -9.35 1.26 0.11
C ILE B 36 -8.29 2.33 -0.14
N MET B 37 -8.67 3.59 0.06
CA MET B 37 -7.76 4.71 -0.16
C MET B 37 -7.35 5.37 1.16
N THR B 38 -6.17 5.98 1.15
CA THR B 38 -5.62 6.69 2.29
C THR B 38 -5.39 8.15 1.91
N PHE B 39 -5.72 9.06 2.81
CA PHE B 39 -5.62 10.48 2.51
C PHE B 39 -4.81 11.20 3.57
N TYR B 40 -4.08 12.22 3.16
CA TYR B 40 -3.23 12.99 4.06
C TYR B 40 -3.56 14.49 4.01
N PRO B 41 -4.70 14.88 4.59
CA PRO B 41 -5.12 16.29 4.60
C PRO B 41 -4.10 17.24 5.24
N THR B 42 -4.01 18.47 4.75
CA THR B 42 -3.25 19.49 5.45
C THR B 42 -4.11 20.03 6.58
N MET B 43 -3.53 20.90 7.40
CA MET B 43 -4.25 21.47 8.53
C MET B 43 -5.45 22.23 8.00
N GLU B 44 -5.20 23.06 6.99
CA GLU B 44 -6.26 23.86 6.37
C GLU B 44 -7.42 22.99 5.90
N GLU B 45 -7.14 21.98 5.07
CA GLU B 45 -8.22 21.14 4.54
C GLU B 45 -8.82 20.25 5.62
N PHE B 46 -8.03 19.96 6.65
CA PHE B 46 -8.46 19.16 7.78
C PHE B 46 -9.50 19.90 8.62
N ARG B 47 -9.38 21.22 8.67
CA ARG B 47 -10.26 22.03 9.53
C ARG B 47 -11.75 21.73 9.36
N ASN B 48 -12.22 21.64 8.12
CA ASN B 48 -13.65 21.44 7.91
C ASN B 48 -13.99 19.98 7.58
N PHE B 49 -14.60 19.30 8.56
CA PHE B 49 -14.83 17.87 8.49
C PHE B 49 -15.77 17.46 7.34
N SER B 50 -16.97 18.01 7.33
CA SER B 50 -17.97 17.66 6.33
C SER B 50 -17.42 17.85 4.93
N ARG B 51 -16.66 18.92 4.75
CA ARG B 51 -16.10 19.26 3.45
C ARG B 51 -15.03 18.24 3.06
N TYR B 52 -14.19 17.86 4.01
CA TYR B 52 -13.15 16.89 3.66
C TYR B 52 -13.76 15.54 3.29
N ILE B 53 -14.86 15.16 3.95
CA ILE B 53 -15.55 13.94 3.61
C ILE B 53 -16.06 14.01 2.17
N ALA B 54 -16.58 15.19 1.80
CA ALA B 54 -17.05 15.43 0.46
C ALA B 54 -15.91 15.27 -0.51
N TYR B 55 -14.75 15.83 -0.17
CA TYR B 55 -13.57 15.67 -1.02
C TYR B 55 -13.21 14.20 -1.23
N ILE B 56 -13.01 13.44 -0.15
CA ILE B 56 -12.59 12.06 -0.37
C ILE B 56 -13.59 11.31 -1.24
N GLU B 57 -14.87 11.60 -1.09
CA GLU B 57 -15.85 10.97 -1.96
C GLU B 57 -15.64 11.38 -3.44
N SER B 58 -15.25 12.63 -3.66
CA SER B 58 -15.00 13.10 -5.02
C SER B 58 -13.79 12.39 -5.61
N GLN B 59 -13.01 11.74 -4.75
CA GLN B 59 -11.87 10.94 -5.15
C GLN B 59 -12.24 9.45 -5.28
N GLY B 60 -13.51 9.14 -5.02
CA GLY B 60 -14.04 7.78 -5.14
C GLY B 60 -13.84 6.89 -3.93
N ALA B 61 -13.48 7.47 -2.79
CA ALA B 61 -13.11 6.70 -1.59
C ALA B 61 -14.23 5.79 -1.04
N HIS B 62 -15.48 6.23 -1.20
CA HIS B 62 -16.65 5.52 -0.67
C HIS B 62 -16.86 4.18 -1.38
N ARG B 63 -16.35 4.06 -2.59
CA ARG B 63 -16.53 2.83 -3.37
C ARG B 63 -15.96 1.60 -2.66
N ALA B 64 -14.87 1.77 -1.91
CA ALA B 64 -14.27 0.68 -1.16
C ALA B 64 -15.06 0.32 0.11
N GLY B 65 -15.84 1.27 0.62
CA GLY B 65 -16.64 1.05 1.80
C GLY B 65 -15.92 1.47 3.06
N LEU B 66 -14.62 1.72 2.94
CA LEU B 66 -13.77 2.09 4.06
C LEU B 66 -12.62 2.94 3.53
N ALA B 67 -12.19 3.95 4.29
CA ALA B 67 -11.06 4.78 3.90
C ALA B 67 -10.25 5.15 5.11
N LYS B 68 -8.94 5.35 4.93
CA LYS B 68 -8.11 5.84 6.01
C LYS B 68 -7.83 7.33 5.83
N VAL B 69 -7.79 8.07 6.93
CA VAL B 69 -7.37 9.46 6.86
C VAL B 69 -6.31 9.71 7.91
N VAL B 70 -5.14 10.17 7.47
CA VAL B 70 -4.03 10.43 8.38
C VAL B 70 -4.02 11.92 8.66
N PRO B 71 -4.18 12.30 9.94
CA PRO B 71 -4.23 13.72 10.31
C PRO B 71 -2.86 14.38 10.19
N PRO B 72 -2.81 15.71 10.03
CA PRO B 72 -1.54 16.43 9.96
C PRO B 72 -0.69 16.13 11.19
N LYS B 73 0.63 16.10 10.99
CA LYS B 73 1.57 15.79 12.06
C LYS B 73 1.40 16.67 13.30
N GLU B 74 0.92 17.90 13.10
CA GLU B 74 0.86 18.89 14.17
C GLU B 74 -0.45 18.89 14.94
N TRP B 75 -1.34 17.96 14.58
CA TRP B 75 -2.64 17.89 15.25
C TRP B 75 -2.66 16.75 16.27
N LYS B 76 -3.04 17.06 17.51
CA LYS B 76 -3.31 16.00 18.47
C LYS B 76 -4.62 16.31 19.19
N PRO B 77 -5.43 15.27 19.41
CA PRO B 77 -6.72 15.35 20.09
C PRO B 77 -6.58 15.59 21.60
N ARG B 78 -5.43 15.21 22.13
CA ARG B 78 -5.18 15.23 23.57
C ARG B 78 -3.69 15.42 23.83
N ALA B 79 -3.34 16.05 24.93
CA ALA B 79 -1.94 16.26 25.27
C ALA B 79 -1.26 14.95 25.66
N SER B 80 -1.84 14.22 26.61
CA SER B 80 -1.27 12.97 27.11
C SER B 80 -2.34 11.97 27.56
N TYR B 81 -2.04 10.68 27.39
CA TYR B 81 -2.94 9.60 27.75
C TYR B 81 -2.68 8.99 29.12
N ASP B 82 -1.75 9.58 29.88
CA ASP B 82 -1.35 9.05 31.17
C ASP B 82 -2.32 9.31 32.33
N ASP B 83 -3.33 10.14 32.10
CA ASP B 83 -4.27 10.46 33.18
C ASP B 83 -5.55 9.62 33.20
N ILE B 84 -5.67 8.64 32.31
CA ILE B 84 -6.90 7.86 32.22
C ILE B 84 -6.94 6.52 32.97
N ASP B 85 -5.90 6.17 33.70
CA ASP B 85 -5.88 4.85 34.34
C ASP B 85 -7.13 4.55 35.19
N ASP B 86 -7.78 5.59 35.71
CA ASP B 86 -8.94 5.41 36.59
C ASP B 86 -10.28 5.37 35.87
N LEU B 87 -10.27 5.65 34.58
CA LEU B 87 -11.46 5.52 33.76
C LEU B 87 -12.07 4.12 33.89
N VAL B 88 -13.38 4.07 34.05
CA VAL B 88 -14.09 2.81 34.23
C VAL B 88 -14.66 2.22 32.93
N ILE B 89 -14.43 0.91 32.73
CA ILE B 89 -15.12 0.18 31.65
C ILE B 89 -16.20 -0.65 32.32
N PRO B 90 -17.46 -0.23 32.18
CA PRO B 90 -18.55 -0.80 32.99
C PRO B 90 -18.92 -2.22 32.59
N ALA B 91 -18.73 -2.57 31.32
CA ALA B 91 -19.20 -3.87 30.82
C ALA B 91 -18.24 -4.53 29.84
N PRO B 92 -17.05 -4.92 30.33
CA PRO B 92 -16.15 -5.63 29.43
C PRO B 92 -16.82 -6.91 28.93
N ILE B 93 -16.55 -7.29 27.69
N ILE B 93 -16.51 -7.28 27.69
CA ILE B 93 -17.18 -8.47 27.14
CA ILE B 93 -17.13 -8.42 27.03
C ILE B 93 -16.16 -9.51 26.72
C ILE B 93 -16.09 -9.50 26.76
N GLN B 94 -16.39 -10.74 27.16
CA GLN B 94 -15.52 -11.84 26.84
C GLN B 94 -16.08 -12.48 25.58
N GLN B 95 -15.25 -12.67 24.55
CA GLN B 95 -15.77 -13.07 23.23
C GLN B 95 -15.54 -14.55 22.95
N LEU B 96 -16.61 -15.33 22.99
CA LEU B 96 -16.53 -16.76 22.74
C LEU B 96 -16.88 -17.00 21.29
N VAL B 97 -16.06 -17.77 20.58
CA VAL B 97 -16.29 -17.99 19.16
C VAL B 97 -16.35 -19.47 18.84
N THR B 98 -17.42 -19.89 18.16
CA THR B 98 -17.55 -21.26 17.67
C THR B 98 -17.75 -21.29 16.16
N GLY B 99 -17.11 -22.25 15.48
CA GLY B 99 -17.28 -22.40 14.05
C GLY B 99 -16.12 -23.17 13.43
N GLN B 100 -16.15 -23.28 12.11
CA GLN B 100 -15.14 -24.02 11.35
C GLN B 100 -15.08 -23.52 9.90
N SER B 101 -13.97 -23.83 9.23
CA SER B 101 -13.83 -23.60 7.81
C SER B 101 -14.22 -22.19 7.44
N GLY B 102 -13.73 -21.22 8.21
CA GLY B 102 -13.88 -19.82 7.86
C GLY B 102 -15.19 -19.16 8.24
N LEU B 103 -16.15 -19.94 8.74
CA LEU B 103 -17.43 -19.41 9.19
C LEU B 103 -17.61 -19.55 10.70
N PHE B 104 -17.84 -18.44 11.40
CA PHE B 104 -17.96 -18.49 12.85
C PHE B 104 -19.12 -17.65 13.40
N THR B 105 -19.53 -17.99 14.62
CA THR B 105 -20.50 -17.20 15.36
C THR B 105 -19.90 -16.80 16.70
N GLN B 106 -20.01 -15.52 17.03
CA GLN B 106 -19.39 -14.99 18.24
C GLN B 106 -20.41 -14.70 19.34
N TYR B 107 -20.12 -15.19 20.54
CA TYR B 107 -21.01 -15.00 21.68
C TYR B 107 -20.36 -14.10 22.73
N ASN B 108 -21.05 -13.05 23.15
CA ASN B 108 -20.42 -12.16 24.12
C ASN B 108 -20.92 -12.34 25.54
N ILE B 109 -20.01 -12.76 26.41
CA ILE B 109 -20.31 -12.83 27.82
C ILE B 109 -19.87 -11.56 28.54
N GLN B 110 -20.82 -10.85 29.12
CA GLN B 110 -20.49 -9.63 29.85
C GLN B 110 -19.83 -9.97 31.18
N LYS B 111 -18.78 -9.23 31.51
CA LYS B 111 -18.05 -9.47 32.75
C LYS B 111 -18.19 -8.26 33.67
N LYS B 112 -17.57 -8.34 34.83
CA LYS B 112 -17.62 -7.26 35.80
C LYS B 112 -16.87 -6.03 35.30
N ALA B 113 -17.32 -4.87 35.76
CA ALA B 113 -16.71 -3.60 35.39
C ALA B 113 -15.27 -3.61 35.83
N MET B 114 -14.43 -2.85 35.12
CA MET B 114 -13.04 -2.70 35.52
C MET B 114 -12.45 -1.41 34.98
N THR B 115 -11.38 -0.95 35.61
CA THR B 115 -10.64 0.24 35.20
C THR B 115 -9.68 -0.02 34.04
N VAL B 116 -9.37 1.04 33.30
CA VAL B 116 -8.40 0.93 32.22
C VAL B 116 -7.10 0.32 32.77
N ARG B 117 -6.72 0.69 33.99
CA ARG B 117 -5.53 0.13 34.64
C ARG B 117 -5.63 -1.40 34.71
N GLU B 118 -6.69 -1.91 35.30
CA GLU B 118 -6.92 -3.35 35.37
C GLU B 118 -6.99 -3.99 33.97
N PHE B 119 -7.72 -3.36 33.05
CA PHE B 119 -7.84 -3.91 31.71
C PHE B 119 -6.49 -4.03 31.01
N ARG B 120 -5.67 -2.97 31.09
CA ARG B 120 -4.38 -2.94 30.41
C ARG B 120 -3.43 -4.01 30.98
N LYS B 121 -3.53 -4.19 32.29
CA LYS B 121 -2.76 -5.22 32.97
C LYS B 121 -3.07 -6.57 32.31
N ILE B 122 -4.35 -6.91 32.24
CA ILE B 122 -4.76 -8.20 31.67
C ILE B 122 -4.37 -8.31 30.19
N ALA B 123 -4.59 -7.23 29.45
CA ALA B 123 -4.28 -7.19 28.02
C ALA B 123 -2.82 -7.54 27.77
N ASN B 124 -1.95 -7.08 28.66
CA ASN B 124 -0.53 -7.28 28.46
C ASN B 124 0.03 -8.50 29.17
N SER B 125 -0.83 -9.21 29.91
CA SER B 125 -0.40 -10.41 30.60
C SER B 125 -0.08 -11.51 29.60
N ASP B 126 0.75 -12.47 30.03
CA ASP B 126 1.17 -13.57 29.18
C ASP B 126 -0.03 -14.27 28.60
N LYS B 127 -1.10 -14.36 29.38
CA LYS B 127 -2.28 -15.09 28.96
C LYS B 127 -2.91 -14.46 27.69
N TYR B 128 -3.15 -13.15 27.74
CA TYR B 128 -3.84 -12.46 26.64
C TYR B 128 -2.98 -11.71 25.61
N CYS B 129 -1.68 -11.62 25.83
CA CYS B 129 -0.84 -10.72 25.06
C CYS B 129 -0.63 -11.14 23.59
N THR B 130 -0.23 -10.19 22.76
CA THR B 130 0.00 -10.46 21.34
C THR B 130 1.10 -11.50 21.14
N PRO B 131 0.88 -12.45 20.23
CA PRO B 131 1.98 -13.39 19.94
C PRO B 131 3.08 -12.73 19.10
N ARG B 132 4.32 -13.15 19.29
CA ARG B 132 5.43 -12.69 18.46
C ARG B 132 5.16 -13.05 17.00
N TYR B 133 5.55 -12.16 16.10
CA TYR B 133 5.37 -12.40 14.67
C TYR B 133 6.33 -11.53 13.85
N SER B 134 6.49 -11.88 12.57
CA SER B 134 7.34 -11.11 11.66
C SER B 134 6.55 -10.09 10.84
N GLU B 135 5.72 -10.56 9.91
CA GLU B 135 4.95 -9.67 9.04
C GLU B 135 3.45 -9.78 9.31
N PHE B 136 2.69 -8.72 9.01
CA PHE B 136 1.26 -8.70 9.33
C PHE B 136 0.51 -9.93 8.80
N GLU B 137 0.84 -10.36 7.59
CA GLU B 137 0.16 -11.51 7.00
C GLU B 137 0.23 -12.70 7.97
N GLU B 138 1.29 -12.71 8.78
CA GLU B 138 1.48 -13.78 9.74
C GLU B 138 0.57 -13.61 10.95
N LEU B 139 0.52 -12.40 11.49
CA LEU B 139 -0.39 -12.11 12.58
C LEU B 139 -1.84 -12.37 12.18
N GLU B 140 -2.20 -11.95 10.97
CA GLU B 140 -3.51 -12.20 10.41
C GLU B 140 -3.78 -13.72 10.40
N ARG B 141 -2.81 -14.48 9.92
CA ARG B 141 -2.94 -15.94 9.89
C ARG B 141 -3.21 -16.49 11.29
N LYS B 142 -2.50 -15.98 12.29
CA LYS B 142 -2.64 -16.47 13.66
C LYS B 142 -4.01 -16.13 14.22
N TYR B 143 -4.56 -15.00 13.79
CA TYR B 143 -5.89 -14.61 14.23
C TYR B 143 -6.93 -15.62 13.75
N TRP B 144 -6.94 -15.88 12.46
CA TRP B 144 -7.94 -16.77 11.89
C TRP B 144 -7.80 -18.22 12.34
N LYS B 145 -6.58 -18.60 12.71
CA LYS B 145 -6.30 -19.93 13.21
C LYS B 145 -6.69 -20.10 14.67
N ASN B 146 -6.47 -19.04 15.43
CA ASN B 146 -6.75 -19.02 16.87
C ASN B 146 -8.03 -18.38 17.42
N LEU B 147 -8.88 -17.80 16.56
CA LEU B 147 -9.92 -16.94 17.13
C LEU B 147 -10.93 -17.73 17.97
N THR B 148 -10.96 -19.05 17.81
CA THR B 148 -11.88 -19.86 18.61
C THR B 148 -11.25 -20.39 19.91
N PHE B 149 -9.97 -20.08 20.16
CA PHE B 149 -9.29 -20.50 21.39
C PHE B 149 -8.98 -19.30 22.30
N ASN B 150 -8.92 -19.54 23.61
CA ASN B 150 -8.53 -18.51 24.55
CA ASN B 150 -8.56 -18.49 24.58
C ASN B 150 -9.32 -17.20 24.34
N PRO B 151 -10.63 -17.21 24.61
CA PRO B 151 -11.45 -16.03 24.33
C PRO B 151 -10.89 -14.80 25.02
N PRO B 152 -10.70 -13.71 24.26
CA PRO B 152 -10.18 -12.45 24.77
C PRO B 152 -11.29 -11.62 25.42
N ILE B 153 -10.91 -10.47 25.98
CA ILE B 153 -11.87 -9.58 26.61
C ILE B 153 -11.79 -8.19 25.97
N TYR B 154 -12.94 -7.68 25.53
CA TYR B 154 -13.04 -6.42 24.82
C TYR B 154 -13.73 -5.37 25.67
N GLY B 155 -13.08 -4.24 25.77
CA GLY B 155 -13.42 -3.09 26.61
C GLY B 155 -14.41 -2.20 25.87
N ALA B 156 -15.32 -2.79 25.10
CA ALA B 156 -16.14 -2.03 24.16
C ALA B 156 -17.30 -1.17 24.68
N ASP B 157 -17.88 -0.43 23.76
CA ASP B 157 -19.06 0.40 24.01
C ASP B 157 -19.04 1.24 25.29
N VAL B 158 -17.92 1.91 25.57
CA VAL B 158 -17.81 2.78 26.75
C VAL B 158 -18.18 4.22 26.37
N ASN B 159 -19.19 4.78 27.03
CA ASN B 159 -19.54 6.18 26.79
C ASN B 159 -18.41 7.07 27.24
N GLY B 160 -17.94 7.91 26.34
CA GLY B 160 -16.88 8.84 26.68
C GLY B 160 -16.12 9.35 25.48
N THR B 161 -15.26 10.31 25.72
CA THR B 161 -14.38 10.86 24.71
C THR B 161 -13.05 11.11 25.39
N LEU B 162 -11.95 10.90 24.66
CA LEU B 162 -10.65 11.31 25.16
C LEU B 162 -10.18 12.65 24.58
N TYR B 163 -11.02 13.27 23.73
CA TYR B 163 -10.69 14.58 23.18
C TYR B 163 -10.71 15.68 24.25
N GLU B 164 -9.66 16.49 24.29
CA GLU B 164 -9.71 17.71 25.08
C GLU B 164 -10.75 18.69 24.52
N LYS B 165 -11.38 19.44 25.41
CA LYS B 165 -12.52 20.29 25.05
C LYS B 165 -12.24 21.30 23.93
N HIS B 166 -10.98 21.67 23.76
CA HIS B 166 -10.61 22.77 22.88
C HIS B 166 -10.31 22.37 21.44
N VAL B 167 -10.40 21.08 21.14
CA VAL B 167 -10.06 20.61 19.80
C VAL B 167 -11.28 20.76 18.91
N ASP B 168 -11.17 21.61 17.90
CA ASP B 168 -12.27 21.82 16.96
C ASP B 168 -12.13 21.06 15.64
N GLU B 169 -11.03 20.34 15.48
CA GLU B 169 -10.82 19.63 14.23
C GLU B 169 -11.10 18.16 14.41
N TRP B 170 -12.09 17.66 13.68
CA TRP B 170 -12.40 16.24 13.69
C TRP B 170 -12.65 15.77 15.13
N ASN B 171 -13.50 16.49 15.84
CA ASN B 171 -13.81 16.12 17.20
C ASN B 171 -15.04 15.23 17.18
N ILE B 172 -14.81 13.97 17.51
CA ILE B 172 -15.85 12.95 17.42
C ILE B 172 -17.05 13.30 18.31
N GLY B 173 -16.84 14.20 19.27
CA GLY B 173 -17.90 14.69 20.12
C GLY B 173 -18.84 15.67 19.42
N ARG B 174 -18.29 16.63 18.67
CA ARG B 174 -19.10 17.42 17.76
C ARG B 174 -18.46 17.47 16.37
N LEU B 175 -19.01 16.74 15.41
CA LEU B 175 -18.43 16.79 14.07
C LEU B 175 -19.12 17.79 13.18
N ARG B 176 -20.28 18.26 13.59
CA ARG B 176 -21.06 19.17 12.78
C ARG B 176 -21.39 18.56 11.41
N THR B 177 -22.26 17.55 11.41
CA THR B 177 -22.85 17.03 10.17
C THR B 177 -24.35 16.96 10.38
N ILE B 178 -25.09 16.76 9.30
CA ILE B 178 -26.54 16.77 9.38
C ILE B 178 -27.14 15.72 10.31
N LEU B 179 -26.35 14.74 10.73
CA LEU B 179 -26.84 13.81 11.73
C LEU B 179 -27.27 14.60 12.95
N ASP B 180 -26.62 15.74 13.15
CA ASP B 180 -26.91 16.56 14.33
C ASP B 180 -28.39 16.96 14.40
N LEU B 181 -29.07 16.93 13.28
CA LEU B 181 -30.49 17.32 13.27
C LEU B 181 -31.28 16.50 14.27
N VAL B 182 -30.83 15.27 14.51
CA VAL B 182 -31.55 14.38 15.41
C VAL B 182 -31.63 14.97 16.82
N GLU B 183 -30.47 15.25 17.40
CA GLU B 183 -30.39 15.80 18.76
C GLU B 183 -30.67 17.31 18.84
N LYS B 184 -30.19 18.05 17.85
CA LYS B 184 -30.36 19.52 17.80
C LYS B 184 -31.82 19.93 17.65
N GLU B 185 -32.52 19.30 16.72
CA GLU B 185 -33.92 19.61 16.48
C GLU B 185 -34.86 18.70 17.24
N SER B 186 -34.81 17.41 16.95
CA SER B 186 -35.70 16.45 17.61
C SER B 186 -35.28 16.10 19.04
N GLY B 187 -34.11 16.57 19.44
CA GLY B 187 -33.65 16.43 20.83
C GLY B 187 -33.47 15.01 21.32
N ILE B 188 -33.13 14.10 20.43
CA ILE B 188 -32.95 12.71 20.84
C ILE B 188 -31.48 12.30 20.87
N THR B 189 -31.14 11.50 21.88
CA THR B 189 -29.79 11.02 22.03
C THR B 189 -29.77 9.51 21.82
N ILE B 190 -28.92 9.06 20.90
CA ILE B 190 -28.67 7.64 20.76
C ILE B 190 -27.19 7.38 21.00
N GLU B 191 -26.89 6.77 22.13
CA GLU B 191 -25.51 6.63 22.58
C GLU B 191 -24.70 5.78 21.61
N GLY B 192 -23.50 6.25 21.25
CA GLY B 192 -22.63 5.55 20.31
C GLY B 192 -22.88 5.96 18.86
N VAL B 193 -24.08 6.49 18.62
CA VAL B 193 -24.47 6.94 17.28
C VAL B 193 -24.27 8.44 17.13
N ASN B 194 -25.00 9.23 17.93
CA ASN B 194 -24.73 10.67 18.04
C ASN B 194 -23.88 11.10 19.24
N THR B 195 -23.35 10.13 19.97
CA THR B 195 -22.38 10.39 21.01
C THR B 195 -21.23 9.39 20.89
N PRO B 196 -20.05 9.75 21.41
CA PRO B 196 -18.83 8.94 21.25
C PRO B 196 -18.85 7.67 22.08
N TYR B 197 -18.17 6.63 21.58
CA TYR B 197 -17.89 5.41 22.34
C TYR B 197 -16.39 5.20 22.33
N LEU B 198 -15.86 4.62 23.41
CA LEU B 198 -14.47 4.20 23.43
C LEU B 198 -14.43 2.66 23.46
N TYR B 199 -13.36 2.11 22.88
CA TYR B 199 -13.12 0.68 22.80
C TYR B 199 -11.70 0.43 23.22
N PHE B 200 -11.52 -0.29 24.31
CA PHE B 200 -10.19 -0.70 24.72
C PHE B 200 -10.02 -2.15 24.28
N GLY B 201 -9.18 -2.35 23.27
CA GLY B 201 -8.99 -3.68 22.71
C GLY B 201 -7.84 -4.42 23.39
N MET B 202 -7.75 -5.72 23.13
CA MET B 202 -6.55 -6.48 23.40
C MET B 202 -6.41 -7.43 22.22
N TRP B 203 -5.36 -8.26 22.22
CA TRP B 203 -5.11 -9.13 21.06
C TRP B 203 -6.31 -10.02 20.75
N LYS B 204 -6.69 -10.10 19.47
CA LYS B 204 -7.70 -11.08 19.04
C LYS B 204 -9.12 -10.68 19.37
N THR B 205 -9.32 -9.56 20.06
CA THR B 205 -10.67 -9.01 20.14
C THR B 205 -11.16 -8.64 18.74
N SER B 206 -12.44 -8.90 18.49
CA SER B 206 -13.01 -8.90 17.15
C SER B 206 -14.24 -8.01 17.03
N PHE B 207 -14.48 -7.50 15.83
CA PHE B 207 -15.81 -7.00 15.51
C PHE B 207 -16.32 -7.72 14.27
N ALA B 208 -17.56 -8.23 14.32
CA ALA B 208 -18.10 -9.10 13.29
C ALA B 208 -18.50 -8.29 12.07
N TRP B 209 -18.94 -8.96 11.01
CA TRP B 209 -19.37 -8.26 9.78
C TRP B 209 -20.66 -7.49 10.01
N HIS B 210 -20.65 -6.19 9.69
CA HIS B 210 -21.85 -5.36 9.82
C HIS B 210 -21.75 -4.09 8.99
N THR B 211 -22.89 -3.44 8.72
CA THR B 211 -22.88 -2.02 8.36
C THR B 211 -23.35 -1.26 9.59
N GLU B 212 -23.33 0.06 9.55
CA GLU B 212 -23.74 0.86 10.72
C GLU B 212 -25.25 0.83 10.93
N ASP B 213 -25.70 1.19 12.14
CA ASP B 213 -27.12 1.45 12.34
C ASP B 213 -27.60 2.45 11.27
N MET B 214 -28.73 2.12 10.65
CA MET B 214 -29.38 2.99 9.65
C MET B 214 -28.43 3.26 8.49
N ASP B 215 -27.47 2.36 8.31
CA ASP B 215 -26.47 2.47 7.26
C ASP B 215 -25.80 3.84 7.19
N LEU B 216 -25.56 4.40 8.37
CA LEU B 216 -24.78 5.61 8.58
C LEU B 216 -23.29 5.43 8.24
N TYR B 217 -22.59 6.54 8.06
CA TYR B 217 -21.13 6.53 8.11
C TYR B 217 -20.71 6.26 9.54
N SER B 218 -19.50 5.78 9.72
CA SER B 218 -18.90 5.85 11.05
C SER B 218 -17.49 6.43 10.94
N ILE B 219 -17.03 7.03 12.02
CA ILE B 219 -15.66 7.48 12.13
C ILE B 219 -15.01 6.75 13.32
N ASN B 220 -13.75 6.34 13.13
CA ASN B 220 -13.02 5.60 14.15
C ASN B 220 -11.60 6.13 14.24
N TYR B 221 -11.22 6.65 15.39
CA TYR B 221 -9.88 7.18 15.59
C TYR B 221 -9.16 6.29 16.59
N LEU B 222 -7.94 5.85 16.29
CA LEU B 222 -7.16 5.06 17.24
C LEU B 222 -6.27 6.01 18.05
N HIS B 223 -6.61 6.21 19.32
CA HIS B 223 -5.89 7.15 20.19
C HIS B 223 -4.44 6.70 20.44
N PHE B 224 -4.28 5.45 20.86
CA PHE B 224 -2.96 4.91 21.14
C PHE B 224 -3.02 3.40 21.14
N GLY B 225 -1.85 2.76 21.28
CA GLY B 225 -1.74 1.33 21.38
C GLY B 225 -1.44 0.63 20.06
N GLU B 226 -1.59 -0.70 20.07
CA GLU B 226 -1.32 -1.55 18.91
C GLU B 226 -2.42 -1.44 17.85
N PRO B 227 -2.11 -1.79 16.60
CA PRO B 227 -3.00 -1.53 15.46
C PRO B 227 -4.35 -2.25 15.55
N LYS B 228 -5.30 -1.77 14.75
CA LYS B 228 -6.58 -2.45 14.53
C LYS B 228 -6.64 -2.74 13.03
N SER B 229 -6.83 -4.00 12.66
CA SER B 229 -6.92 -4.38 11.23
C SER B 229 -8.35 -4.51 10.79
N TRP B 230 -8.62 -4.12 9.53
CA TRP B 230 -9.97 -4.09 8.98
C TRP B 230 -10.12 -4.88 7.68
N TYR B 231 -11.35 -5.35 7.45
CA TYR B 231 -11.77 -5.88 6.16
C TYR B 231 -12.99 -5.08 5.73
N SER B 232 -13.19 -4.89 4.43
CA SER B 232 -14.34 -4.15 3.94
CA SER B 232 -14.33 -4.14 3.94
C SER B 232 -14.81 -4.67 2.59
N VAL B 233 -16.11 -4.67 2.38
CA VAL B 233 -16.74 -5.06 1.14
C VAL B 233 -17.35 -3.82 0.46
N PRO B 234 -16.98 -3.55 -0.81
CA PRO B 234 -17.57 -2.35 -1.43
C PRO B 234 -19.10 -2.32 -1.28
N PRO B 235 -19.68 -1.16 -0.96
CA PRO B 235 -21.15 -1.12 -0.90
C PRO B 235 -21.84 -1.66 -2.17
N GLU B 236 -21.24 -1.47 -3.34
CA GLU B 236 -21.87 -1.95 -4.56
C GLU B 236 -21.94 -3.47 -4.61
N HIS B 237 -21.06 -4.12 -3.86
CA HIS B 237 -21.13 -5.57 -3.66
C HIS B 237 -21.76 -6.12 -2.35
N GLY B 238 -22.30 -5.22 -1.52
CA GLY B 238 -22.86 -5.59 -0.23
C GLY B 238 -23.87 -6.73 -0.25
N LYS B 239 -24.79 -6.68 -1.22
CA LYS B 239 -25.84 -7.69 -1.34
C LYS B 239 -25.26 -9.09 -1.52
N ARG B 240 -24.09 -9.19 -2.14
CA ARG B 240 -23.46 -10.50 -2.33
C ARG B 240 -23.03 -11.10 -0.99
N LEU B 241 -22.39 -10.29 -0.15
CA LEU B 241 -22.04 -10.75 1.20
C LEU B 241 -23.30 -11.19 1.92
N GLU B 242 -24.37 -10.41 1.81
CA GLU B 242 -25.61 -10.80 2.48
C GLU B 242 -26.09 -12.18 2.03
N ARG B 243 -26.06 -12.42 0.73
CA ARG B 243 -26.44 -13.71 0.17
C ARG B 243 -25.58 -14.86 0.68
N LEU B 244 -24.28 -14.66 0.69
CA LEU B 244 -23.38 -15.68 1.20
C LEU B 244 -23.73 -16.01 2.66
N ALA B 245 -23.85 -14.97 3.49
CA ALA B 245 -24.15 -15.16 4.91
C ALA B 245 -25.49 -15.87 5.14
N LYS B 246 -26.49 -15.51 4.36
CA LYS B 246 -27.81 -16.11 4.50
C LYS B 246 -27.72 -17.57 4.09
N GLY B 247 -26.93 -17.83 3.07
CA GLY B 247 -26.69 -19.19 2.61
C GLY B 247 -26.13 -20.07 3.71
N PHE B 248 -25.17 -19.56 4.47
CA PHE B 248 -24.53 -20.36 5.53
C PHE B 248 -25.20 -20.33 6.90
N PHE B 249 -26.14 -19.40 7.10
CA PHE B 249 -26.83 -19.32 8.38
C PHE B 249 -28.32 -19.13 8.15
N PRO B 250 -28.95 -20.11 7.48
CA PRO B 250 -30.33 -19.95 7.06
C PRO B 250 -31.29 -19.92 8.25
N GLY B 251 -30.89 -20.57 9.35
CA GLY B 251 -31.66 -20.52 10.58
C GLY B 251 -31.76 -19.09 11.07
N SER B 252 -30.61 -18.46 11.21
CA SER B 252 -30.54 -17.06 11.63
C SER B 252 -31.26 -16.13 10.63
N ALA B 253 -31.11 -16.41 9.33
CA ALA B 253 -31.78 -15.63 8.30
C ALA B 253 -33.30 -15.73 8.40
N GLN B 254 -33.79 -16.91 8.73
CA GLN B 254 -35.22 -17.13 8.88
C GLN B 254 -35.77 -16.32 10.06
N SER B 255 -35.06 -16.36 11.18
CA SER B 255 -35.52 -15.67 12.39
C SER B 255 -35.51 -14.16 12.25
N CYS B 256 -34.41 -13.65 11.69
CA CYS B 256 -34.26 -12.23 11.43
C CYS B 256 -33.54 -12.04 10.09
N GLU B 257 -34.10 -11.22 9.21
CA GLU B 257 -33.51 -11.02 7.89
C GLU B 257 -32.23 -10.19 7.99
N ALA B 258 -32.23 -9.29 8.96
CA ALA B 258 -31.18 -8.31 9.24
C ALA B 258 -30.10 -8.88 10.19
N PHE B 259 -30.12 -10.20 10.38
CA PHE B 259 -29.32 -10.86 11.42
C PHE B 259 -27.85 -10.46 11.48
N LEU B 260 -27.27 -10.04 10.35
CA LEU B 260 -25.88 -9.55 10.36
C LEU B 260 -25.69 -8.39 11.33
N ARG B 261 -26.75 -7.60 11.52
CA ARG B 261 -26.75 -6.49 12.48
C ARG B 261 -26.55 -6.96 13.92
N HIS B 262 -26.76 -8.24 14.18
CA HIS B 262 -26.48 -8.76 15.52
C HIS B 262 -24.97 -8.71 15.80
N LYS B 263 -24.16 -8.53 14.76
CA LYS B 263 -22.70 -8.48 14.92
C LYS B 263 -22.14 -9.72 15.58
N MET B 264 -22.76 -10.87 15.34
CA MET B 264 -22.21 -12.15 15.78
C MET B 264 -21.48 -12.97 14.72
N THR B 265 -21.47 -12.49 13.48
CA THR B 265 -21.06 -13.32 12.35
C THR B 265 -19.67 -12.99 11.79
N LEU B 266 -18.76 -13.94 11.94
CA LEU B 266 -17.39 -13.76 11.50
C LEU B 266 -17.13 -14.62 10.27
N ILE B 267 -16.48 -14.03 9.27
CA ILE B 267 -16.18 -14.76 8.04
C ILE B 267 -14.79 -14.40 7.56
N SER B 268 -13.96 -15.42 7.38
CA SER B 268 -12.55 -15.19 7.05
C SER B 268 -12.35 -14.73 5.61
N PRO B 269 -11.24 -14.04 5.37
CA PRO B 269 -10.97 -13.54 4.02
C PRO B 269 -10.78 -14.69 3.03
N LEU B 270 -10.27 -15.84 3.48
CA LEU B 270 -10.16 -17.01 2.61
C LEU B 270 -11.54 -17.44 2.10
N MET B 271 -12.57 -17.34 2.93
CA MET B 271 -13.90 -17.72 2.46
C MET B 271 -14.44 -16.70 1.47
N LEU B 272 -14.26 -15.41 1.76
CA LEU B 272 -14.72 -14.37 0.83
C LEU B 272 -14.12 -14.60 -0.56
N LYS B 273 -12.82 -14.81 -0.61
CA LYS B 273 -12.13 -15.11 -1.85
C LYS B 273 -12.72 -16.34 -2.54
N LYS B 274 -12.86 -17.43 -1.78
CA LYS B 274 -13.38 -18.69 -2.32
C LYS B 274 -14.73 -18.49 -2.99
N TYR B 275 -15.61 -17.74 -2.32
CA TYR B 275 -16.95 -17.50 -2.85
C TYR B 275 -17.02 -16.26 -3.75
N GLY B 276 -15.87 -15.64 -3.99
CA GLY B 276 -15.83 -14.53 -4.91
C GLY B 276 -16.51 -13.25 -4.46
N ILE B 277 -16.58 -13.02 -3.14
CA ILE B 277 -16.97 -11.72 -2.61
C ILE B 277 -15.80 -10.75 -2.68
N PRO B 278 -15.93 -9.64 -3.43
CA PRO B 278 -14.80 -8.70 -3.53
C PRO B 278 -14.58 -8.02 -2.18
N PHE B 279 -13.33 -7.83 -1.78
CA PHE B 279 -13.06 -7.22 -0.49
C PHE B 279 -11.65 -6.67 -0.48
N ASP B 280 -11.38 -5.76 0.45
CA ASP B 280 -10.04 -5.23 0.62
C ASP B 280 -9.70 -5.24 2.12
N LYS B 281 -8.43 -5.04 2.44
CA LYS B 281 -8.03 -5.05 3.85
C LYS B 281 -7.08 -3.92 4.09
N VAL B 282 -7.08 -3.42 5.32
CA VAL B 282 -6.19 -2.34 5.68
C VAL B 282 -5.93 -2.39 7.18
N THR B 283 -4.78 -1.90 7.60
CA THR B 283 -4.40 -1.91 9.00
C THR B 283 -4.30 -0.49 9.50
N GLN B 284 -5.02 -0.20 10.58
CA GLN B 284 -5.07 1.14 11.16
C GLN B 284 -4.09 1.24 12.33
N GLU B 285 -3.29 2.30 12.33
CA GLU B 285 -2.22 2.51 13.30
C GLU B 285 -2.60 3.66 14.24
N ALA B 286 -2.03 3.68 15.43
CA ALA B 286 -2.29 4.74 16.39
C ALA B 286 -2.10 6.10 15.73
N GLY B 287 -3.06 7.00 15.94
CA GLY B 287 -3.03 8.32 15.36
C GLY B 287 -3.73 8.41 14.02
N GLU B 288 -4.39 7.34 13.59
CA GLU B 288 -5.08 7.35 12.30
C GLU B 288 -6.58 7.21 12.44
N PHE B 289 -7.31 7.88 11.54
CA PHE B 289 -8.76 7.77 11.40
C PHE B 289 -9.14 6.73 10.35
N MET B 290 -10.20 5.98 10.60
CA MET B 290 -10.86 5.22 9.56
C MET B 290 -12.27 5.79 9.40
N ILE B 291 -12.76 5.76 8.17
CA ILE B 291 -14.11 6.15 7.86
C ILE B 291 -14.80 5.00 7.16
N THR B 292 -15.97 4.60 7.65
CA THR B 292 -16.75 3.63 6.92
C THR B 292 -17.92 4.37 6.27
N PHE B 293 -18.19 4.00 5.03
CA PHE B 293 -19.25 4.60 4.24
C PHE B 293 -20.55 3.84 4.34
N PRO B 294 -21.67 4.53 4.05
CA PRO B 294 -22.99 3.89 4.12
C PRO B 294 -23.06 2.58 3.34
N TYR B 295 -23.58 1.60 4.04
CA TYR B 295 -23.72 0.24 3.56
C TYR B 295 -22.39 -0.42 3.20
N GLY B 296 -21.27 0.10 3.70
CA GLY B 296 -20.03 -0.68 3.68
C GLY B 296 -19.99 -1.76 4.74
N TYR B 297 -19.84 -3.02 4.37
CA TYR B 297 -19.71 -4.05 5.40
C TYR B 297 -18.28 -4.08 5.80
N HIS B 298 -18.02 -4.13 7.11
CA HIS B 298 -16.67 -4.25 7.59
C HIS B 298 -16.60 -5.18 8.79
N ALA B 299 -15.37 -5.64 9.04
CA ALA B 299 -15.07 -6.50 10.17
C ALA B 299 -13.59 -6.31 10.43
N GLY B 300 -13.10 -6.72 11.60
CA GLY B 300 -11.67 -6.74 11.82
C GLY B 300 -11.27 -7.21 13.20
N PHE B 301 -10.02 -6.96 13.57
CA PHE B 301 -9.54 -7.42 14.87
C PHE B 301 -8.46 -6.49 15.40
N ASN B 302 -8.27 -6.48 16.72
CA ASN B 302 -7.25 -5.67 17.35
C ASN B 302 -5.97 -6.49 17.53
N HIS B 303 -4.83 -5.85 17.33
CA HIS B 303 -3.53 -6.52 17.43
C HIS B 303 -3.08 -6.69 18.89
N GLY B 304 -3.44 -5.73 19.74
CA GLY B 304 -2.92 -5.68 21.09
C GLY B 304 -3.73 -4.70 21.92
N PHE B 305 -3.20 -4.32 23.07
CA PHE B 305 -3.89 -3.38 23.91
C PHE B 305 -3.93 -2.06 23.14
N ASN B 306 -5.13 -1.51 22.94
CA ASN B 306 -5.25 -0.22 22.27
C ASN B 306 -6.53 0.48 22.72
N CYS B 307 -6.75 1.70 22.26
CA CYS B 307 -8.00 2.39 22.56
C CYS B 307 -8.47 3.19 21.37
N ALA B 308 -9.71 2.93 20.93
CA ALA B 308 -10.30 3.61 19.79
C ALA B 308 -11.50 4.42 20.25
N GLU B 309 -11.79 5.52 19.57
CA GLU B 309 -12.98 6.32 19.83
C GLU B 309 -13.78 6.41 18.53
N SER B 310 -15.09 6.23 18.62
CA SER B 310 -15.91 6.11 17.43
C SER B 310 -17.32 6.65 17.61
N THR B 311 -17.96 6.99 16.49
CA THR B 311 -19.34 7.46 16.51
C THR B 311 -19.85 7.38 15.09
N ASN B 312 -21.11 7.73 14.90
CA ASN B 312 -21.71 7.70 13.57
C ASN B 312 -21.92 9.13 13.08
N PHE B 313 -21.94 9.31 11.76
CA PHE B 313 -22.24 10.61 11.19
C PHE B 313 -22.91 10.47 9.81
N ALA B 314 -23.29 11.59 9.20
CA ALA B 314 -24.08 11.56 7.98
C ALA B 314 -23.63 12.62 6.99
N THR B 315 -24.06 12.44 5.74
CA THR B 315 -23.96 13.45 4.69
C THR B 315 -25.30 13.43 3.97
N ARG B 316 -25.54 14.42 3.11
CA ARG B 316 -26.80 14.42 2.36
C ARG B 316 -27.02 13.10 1.59
N ARG B 317 -25.93 12.51 1.10
CA ARG B 317 -25.99 11.25 0.37
C ARG B 317 -26.51 10.11 1.23
N TRP B 318 -26.28 10.18 2.54
CA TRP B 318 -26.74 9.11 3.40
C TRP B 318 -28.27 9.03 3.44
N ILE B 319 -28.94 10.16 3.21
CA ILE B 319 -30.39 10.21 3.40
C ILE B 319 -31.12 9.05 2.73
N GLU B 320 -30.79 8.78 1.48
CA GLU B 320 -31.44 7.71 0.75
C GLU B 320 -31.14 6.35 1.37
N TYR B 321 -29.93 6.19 1.90
CA TYR B 321 -29.57 4.96 2.58
C TYR B 321 -30.38 4.80 3.85
N GLY B 322 -30.55 5.90 4.57
CA GLY B 322 -31.33 5.87 5.79
C GLY B 322 -32.74 5.40 5.47
N LYS B 323 -33.37 6.04 4.49
CA LYS B 323 -34.73 5.70 4.09
C LYS B 323 -34.84 4.22 3.70
N GLN B 324 -33.79 3.69 3.09
CA GLN B 324 -33.85 2.33 2.56
C GLN B 324 -33.26 1.22 3.44
N ALA B 325 -32.70 1.57 4.60
CA ALA B 325 -31.98 0.56 5.40
C ALA B 325 -32.90 -0.56 5.85
N VAL B 326 -32.42 -1.79 5.75
CA VAL B 326 -33.17 -2.93 6.24
C VAL B 326 -32.72 -3.18 7.68
N LEU B 327 -33.61 -2.92 8.65
CA LEU B 327 -33.17 -2.92 10.06
C LEU B 327 -33.47 -4.22 10.79
N CYS B 328 -33.00 -4.34 12.04
CA CYS B 328 -33.25 -5.55 12.82
C CYS B 328 -34.62 -5.49 13.48
N SER B 329 -35.36 -6.57 13.26
CA SER B 329 -36.70 -6.79 13.75
C SER B 329 -36.72 -7.42 15.15
N CYS B 330 -36.13 -8.62 15.22
CA CYS B 330 -36.26 -9.58 16.32
C CYS B 330 -35.92 -9.15 17.75
N ARG B 331 -35.22 -8.03 17.92
CA ARG B 331 -34.91 -7.56 19.27
C ARG B 331 -35.58 -6.22 19.52
N LYS B 332 -35.85 -5.91 20.78
CA LYS B 332 -36.58 -4.69 21.11
C LYS B 332 -35.66 -3.47 21.27
N ASP B 333 -36.17 -2.33 20.82
CA ASP B 333 -35.46 -1.06 20.93
C ASP B 333 -34.15 -1.02 20.14
N MET B 334 -34.12 -1.68 18.99
CA MET B 334 -32.98 -1.54 18.07
C MET B 334 -33.01 -0.13 17.51
N VAL B 335 -31.87 0.34 16.99
CA VAL B 335 -31.79 1.75 16.65
C VAL B 335 -32.59 2.00 15.38
N LYS B 336 -33.58 2.87 15.49
CA LYS B 336 -34.37 3.31 14.35
C LYS B 336 -34.47 4.82 14.38
N ILE B 337 -33.92 5.46 13.36
CA ILE B 337 -33.99 6.92 13.27
C ILE B 337 -35.13 7.36 12.35
N SER B 338 -35.88 8.38 12.75
CA SER B 338 -36.98 8.86 11.92
C SER B 338 -36.40 9.66 10.76
N MET B 339 -36.72 9.26 9.55
CA MET B 339 -36.13 9.91 8.39
C MET B 339 -36.89 11.21 8.00
N ASP B 340 -37.97 11.51 8.73
CA ASP B 340 -38.87 12.61 8.37
C ASP B 340 -38.19 13.98 8.29
N VAL B 341 -37.53 14.40 9.36
CA VAL B 341 -36.80 15.66 9.34
C VAL B 341 -35.85 15.77 8.13
N PHE B 342 -35.20 14.67 7.77
CA PHE B 342 -34.25 14.66 6.65
C PHE B 342 -34.95 14.76 5.29
N VAL B 343 -35.97 13.95 5.09
CA VAL B 343 -36.68 13.95 3.80
C VAL B 343 -37.37 15.29 3.57
N ARG B 344 -38.06 15.75 4.59
CA ARG B 344 -38.78 17.01 4.51
C ARG B 344 -37.81 18.11 4.13
N LYS B 345 -36.68 18.16 4.84
CA LYS B 345 -35.72 19.25 4.66
C LYS B 345 -34.90 19.18 3.37
N PHE B 346 -34.25 18.05 3.11
CA PHE B 346 -33.41 17.92 1.93
C PHE B 346 -34.07 17.31 0.70
N GLN B 347 -35.25 16.73 0.86
CA GLN B 347 -35.93 16.17 -0.30
C GLN B 347 -37.39 16.60 -0.33
N PRO B 348 -37.63 17.92 -0.33
CA PRO B 348 -39.02 18.38 -0.31
C PRO B 348 -39.77 17.91 -1.55
N GLU B 349 -39.07 17.76 -2.67
CA GLU B 349 -39.75 17.39 -3.91
C GLU B 349 -40.24 15.94 -3.87
N ARG B 350 -39.60 15.12 -3.05
CA ARG B 350 -40.07 13.74 -2.82
C ARG B 350 -40.88 13.52 -1.54
N TYR B 351 -41.01 14.54 -0.70
CA TYR B 351 -41.48 14.33 0.66
C TYR B 351 -42.86 13.70 0.76
N LYS B 352 -43.82 14.25 0.00
CA LYS B 352 -45.18 13.72 -0.02
C LYS B 352 -45.23 12.31 -0.60
N LEU B 353 -44.43 12.08 -1.64
CA LEU B 353 -44.34 10.77 -2.28
C LEU B 353 -43.76 9.72 -1.33
N TRP B 354 -42.94 10.18 -0.39
CA TRP B 354 -42.31 9.32 0.61
C TRP B 354 -43.34 8.94 1.67
N LYS B 355 -43.90 9.94 2.34
CA LYS B 355 -44.87 9.70 3.39
C LYS B 355 -45.95 8.74 2.89
N ALA B 356 -46.18 8.74 1.58
CA ALA B 356 -47.22 7.90 0.98
C ALA B 356 -46.66 6.53 0.61
N GLY B 357 -45.40 6.30 0.95
CA GLY B 357 -44.75 5.05 0.63
C GLY B 357 -44.72 4.84 -0.87
N LYS B 358 -44.73 5.95 -1.61
CA LYS B 358 -44.64 5.91 -3.07
C LYS B 358 -43.23 6.14 -3.63
N ASP B 359 -42.25 6.37 -2.76
CA ASP B 359 -40.92 6.78 -3.23
C ASP B 359 -40.10 5.58 -3.73
N ASN B 360 -39.76 5.64 -5.02
CA ASN B 360 -39.10 4.56 -5.75
C ASN B 360 -37.59 4.66 -5.90
N THR B 361 -36.97 5.66 -5.29
CA THR B 361 -35.58 5.98 -5.59
C THR B 361 -34.67 4.76 -5.53
N VAL B 362 -33.81 4.63 -6.54
CA VAL B 362 -32.80 3.58 -6.54
C VAL B 362 -31.43 4.18 -6.23
N ILE B 363 -30.71 3.53 -5.31
CA ILE B 363 -29.38 4.01 -4.93
C ILE B 363 -28.32 3.60 -5.93
N ASP B 364 -27.48 4.56 -6.33
CA ASP B 364 -26.30 4.26 -7.12
C ASP B 364 -25.10 4.40 -6.19
N HIS B 365 -24.47 3.29 -5.85
CA HIS B 365 -23.43 3.28 -4.82
C HIS B 365 -22.11 3.90 -5.27
N THR B 366 -21.94 4.09 -6.56
CA THR B 366 -20.73 4.71 -7.08
C THR B 366 -20.74 6.25 -7.01
N LEU B 367 -21.93 6.84 -6.92
CA LEU B 367 -22.05 8.29 -6.93
C LEU B 367 -21.60 8.94 -5.62
N PRO B 368 -20.78 10.00 -5.71
CA PRO B 368 -20.31 10.77 -4.56
C PRO B 368 -21.40 11.70 -4.02
N THR B 369 -21.30 12.11 -2.76
CA THR B 369 -22.32 12.97 -2.18
C THR B 369 -22.38 14.36 -2.89
N PRO B 370 -23.57 14.98 -2.91
CA PRO B 370 -23.70 16.23 -3.69
C PRO B 370 -22.69 17.31 -3.32
N GLU B 371 -22.33 17.39 -2.04
CA GLU B 371 -21.34 18.36 -1.55
C GLU B 371 -19.99 18.24 -2.26
N ALA B 372 -19.74 17.11 -2.90
CA ALA B 372 -18.48 16.90 -3.60
C ALA B 372 -18.47 17.57 -4.98
N ALA B 373 -19.62 18.09 -5.38
CA ALA B 373 -19.76 18.72 -6.70
C ALA B 373 -18.67 19.76 -6.97
N GLU B 374 -18.40 20.61 -5.99
CA GLU B 374 -17.42 21.68 -6.18
C GLU B 374 -16.05 21.14 -6.58
N PHE B 375 -15.81 19.85 -6.33
CA PHE B 375 -14.52 19.22 -6.64
C PHE B 375 -14.45 18.60 -8.04
N LEU B 376 -15.26 17.57 -8.30
CA LEU B 376 -15.34 16.97 -9.62
C LEU B 376 -16.16 17.79 -10.60
N ALA C 1 18.62 -12.89 -26.59
CA ALA C 1 17.91 -12.04 -25.63
C ALA C 1 18.80 -10.91 -25.17
N ARG C 2 18.21 -9.75 -24.92
CA ARG C 2 18.98 -8.64 -24.39
C ARG C 2 18.16 -7.88 -23.34
N SER C 4 16.60 -4.59 -22.04
CA SER C 4 16.11 -3.42 -22.73
C SER C 4 15.38 -2.54 -21.73
N CYS C 5 15.73 -1.26 -21.67
CA CYS C 5 14.94 -0.38 -20.83
C CYS C 5 14.14 0.55 -21.71
N GLY C 6 12.88 0.16 -21.86
CA GLY C 6 11.87 0.95 -22.52
C GLY C 6 10.75 -0.05 -22.74
N GLY C 7 9.53 0.45 -22.90
CA GLY C 7 8.39 -0.40 -23.12
C GLY C 7 8.14 -0.91 -24.53
N LYS C 8 8.13 0.01 -25.49
CA LYS C 8 7.55 -0.27 -26.80
C LYS C 8 7.48 0.98 -27.65
N ALA D 1 -32.75 3.75 22.89
CA ALA D 1 -31.98 2.92 21.99
C ALA D 1 -30.52 3.31 22.05
N ARG D 2 -29.64 2.34 21.83
CA ARG D 2 -28.20 2.57 21.89
C ARG D 2 -27.45 1.69 20.91
N SER D 4 -24.55 -0.87 19.86
CA SER D 4 -23.94 -1.98 20.58
C SER D 4 -23.11 -2.89 19.66
N CYS D 5 -21.97 -3.37 20.18
CA CYS D 5 -21.18 -4.33 19.44
C CYS D 5 -21.29 -5.71 20.08
N GLY D 6 -22.00 -6.61 19.42
CA GLY D 6 -22.28 -7.94 19.94
C GLY D 6 -23.66 -8.06 20.56
#